data_5JMW
#
_entry.id   5JMW
#
_cell.length_a   51.430
_cell.length_b   56.193
_cell.length_c   86.046
_cell.angle_alpha   103.57
_cell.angle_beta   103.07
_cell.angle_gamma   100.40
#
_symmetry.space_group_name_H-M   'P 1'
#
loop_
_entity.id
_entity.type
_entity.pdbx_description
1 polymer '1-deoxy-D-xylulose 5-phosphate reductoisomerase, apicoplastic'
2 non-polymer '[(2R)-2-{2-[hydroxy(methyl)amino]-2-oxoethyl}-5-(4-methylphenyl)pentyl]phosphonic acid'
3 non-polymer 'MANGANESE (II) ION'
4 non-polymer (4S)-2-METHYL-2,4-PENTANEDIOL
5 non-polymer 1,2-ETHANEDIOL
6 water water
#
_entity_poly.entity_id   1
_entity_poly.type   'polypeptide(L)'
_entity_poly.pdbx_seq_one_letter_code
;MAHHHHHHKKPINVAIFGSTGSIGTNALNIIRECNKIENVFNVKALYVNKSVNELYEQAREFLPEYLCIHDKSVYEELKE
LVKNIKDYKPIILCGDEGMKEICSSNSIDKIVIGIDSFQGLYSTMYAIMNNKIVALANKESIVSAGFFLKKLLNIHKNAK
IIPVDSEHSAIFQCLDNNKVLKTKCLQDNFSKINNINKIFLCSSGGPFQNLTMDELKNVTSENALKHPKWKMGKKITIDS
ATMMNKGLEVIETHFLFDVDYNDIEVIVHKECIIHSCVEFIDKSVISQMYYPDMQIPILYSLTWPDRIKTNLKPLDLAQV
STLTFHKPSLEHFPCIKLAYQAGIKGNFYPTVLNASNEIANNLFLNNKIKYFDISSIISQVLESFNSQKVSENSEDLMKQ
ILQIHSWAKDKATDIYNKHNSS
;
_entity_poly.pdbx_strand_id   A,B
#
loop_
_chem_comp.id
_chem_comp.type
_chem_comp.name
_chem_comp.formula
EDO non-polymer 1,2-ETHANEDIOL 'C2 H6 O2'
L50 non-polymer '[(2R)-2-{2-[hydroxy(methyl)amino]-2-oxoethyl}-5-(4-methylphenyl)pentyl]phosphonic acid' 'C15 H24 N O5 P'
MN non-polymer 'MANGANESE (II) ION' 'Mn 2'
MPD non-polymer (4S)-2-METHYL-2,4-PENTANEDIOL 'C6 H14 O2'
#
# COMPACT_ATOMS: atom_id res chain seq x y z
N PRO A 11 -17.88 -18.27 -5.11
CA PRO A 11 -17.99 -18.49 -6.56
C PRO A 11 -18.38 -17.22 -7.34
N ILE A 12 -17.41 -16.62 -8.03
CA ILE A 12 -17.57 -15.29 -8.65
C ILE A 12 -18.15 -15.43 -10.05
N ASN A 13 -19.31 -14.81 -10.28
CA ASN A 13 -20.06 -14.97 -11.52
C ASN A 13 -19.81 -13.77 -12.42
N VAL A 14 -19.08 -14.00 -13.52
N VAL A 14 -19.08 -14.01 -13.52
CA VAL A 14 -18.57 -12.90 -14.35
CA VAL A 14 -18.54 -12.95 -14.37
C VAL A 14 -18.97 -13.01 -15.81
C VAL A 14 -19.07 -13.02 -15.80
N ALA A 15 -19.34 -11.87 -16.39
CA ALA A 15 -19.57 -11.73 -17.83
C ALA A 15 -18.41 -10.93 -18.40
N ILE A 16 -17.97 -11.31 -19.61
CA ILE A 16 -16.89 -10.61 -20.31
C ILE A 16 -17.48 -10.00 -21.58
N PHE A 17 -17.52 -8.66 -21.63
CA PHE A 17 -17.98 -7.92 -22.80
C PHE A 17 -16.79 -7.48 -23.65
N GLY A 18 -16.79 -7.86 -24.93
CA GLY A 18 -15.62 -7.69 -25.79
C GLY A 18 -14.56 -8.73 -25.47
N SER A 19 -14.98 -10.00 -25.44
CA SER A 19 -14.14 -11.06 -24.90
C SER A 19 -12.91 -11.44 -25.73
N THR A 20 -12.88 -11.04 -27.00
CA THR A 20 -11.73 -11.33 -27.89
C THR A 20 -10.74 -10.17 -28.01
N GLY A 21 -11.05 -9.02 -27.41
CA GLY A 21 -10.10 -7.91 -27.33
C GLY A 21 -9.01 -8.13 -26.30
N SER A 22 -8.14 -7.13 -26.12
N SER A 22 -8.14 -7.13 -26.12
CA SER A 22 -6.98 -7.25 -25.23
CA SER A 22 -6.98 -7.25 -25.23
C SER A 22 -7.37 -7.46 -23.77
C SER A 22 -7.36 -7.45 -23.76
N ILE A 23 -8.29 -6.64 -23.27
CA ILE A 23 -8.75 -6.76 -21.86
C ILE A 23 -9.51 -8.08 -21.66
N GLY A 24 -10.39 -8.42 -22.60
CA GLY A 24 -11.17 -9.66 -22.55
C GLY A 24 -10.31 -10.91 -22.53
N THR A 25 -9.31 -10.97 -23.42
N THR A 25 -9.32 -10.95 -23.43
CA THR A 25 -8.43 -12.14 -23.47
CA THR A 25 -8.36 -12.06 -23.51
C THR A 25 -7.52 -12.24 -22.24
C THR A 25 -7.56 -12.22 -22.23
N ASN A 26 -7.02 -11.11 -21.72
CA ASN A 26 -6.25 -11.11 -20.46
C ASN A 26 -7.12 -11.55 -19.28
N ALA A 27 -8.39 -11.12 -19.28
CA ALA A 27 -9.34 -11.53 -18.25
C ALA A 27 -9.56 -13.05 -18.25
N LEU A 28 -9.81 -13.61 -19.43
CA LEU A 28 -9.97 -15.05 -19.54
C LEU A 28 -8.68 -15.81 -19.23
N ASN A 29 -7.53 -15.24 -19.60
CA ASN A 29 -6.23 -15.85 -19.25
C ASN A 29 -6.04 -15.98 -17.74
N ILE A 30 -6.24 -14.89 -17.00
CA ILE A 30 -6.06 -14.95 -15.54
C ILE A 30 -7.16 -15.79 -14.86
N ILE A 31 -8.39 -15.72 -15.37
CA ILE A 31 -9.47 -16.59 -14.91
C ILE A 31 -9.11 -18.07 -15.09
N ARG A 32 -8.61 -18.43 -16.27
CA ARG A 32 -8.16 -19.81 -16.55
C ARG A 32 -7.11 -20.26 -15.55
N GLU A 33 -6.07 -19.46 -15.38
CA GLU A 33 -4.98 -19.84 -14.48
C GLU A 33 -5.42 -19.94 -13.03
N CYS A 34 -6.20 -18.96 -12.56
CA CYS A 34 -6.71 -18.99 -11.19
C CYS A 34 -7.63 -20.19 -10.95
N ASN A 35 -8.45 -20.54 -11.94
CA ASN A 35 -9.38 -21.67 -11.81
C ASN A 35 -8.68 -23.02 -11.70
N LYS A 36 -7.47 -23.14 -12.24
CA LYS A 36 -6.63 -24.33 -12.04
C LYS A 36 -6.22 -24.54 -10.59
N ILE A 37 -6.06 -23.43 -9.85
CA ILE A 37 -5.65 -23.46 -8.44
C ILE A 37 -6.86 -23.74 -7.54
N GLU A 38 -7.96 -23.06 -7.80
CA GLU A 38 -9.20 -23.25 -7.05
C GLU A 38 -10.35 -22.81 -7.94
N ASN A 39 -11.46 -23.53 -7.88
CA ASN A 39 -12.65 -23.17 -8.66
C ASN A 39 -13.29 -21.91 -8.07
N VAL A 40 -12.87 -20.76 -8.60
CA VAL A 40 -13.28 -19.45 -8.09
C VAL A 40 -14.29 -18.77 -9.02
N PHE A 41 -14.05 -18.83 -10.34
CA PHE A 41 -14.83 -18.09 -11.31
C PHE A 41 -15.74 -18.96 -12.13
N ASN A 42 -16.98 -18.51 -12.32
N ASN A 42 -16.98 -18.52 -12.30
CA ASN A 42 -17.86 -19.08 -13.34
CA ASN A 42 -17.89 -19.05 -13.32
C ASN A 42 -18.02 -17.99 -14.39
C ASN A 42 -18.00 -17.97 -14.39
N VAL A 43 -17.56 -18.28 -15.60
CA VAL A 43 -17.71 -17.37 -16.74
C VAL A 43 -19.12 -17.59 -17.26
N LYS A 44 -20.01 -16.63 -16.99
CA LYS A 44 -21.45 -16.79 -17.23
C LYS A 44 -21.90 -16.30 -18.60
N ALA A 45 -21.15 -15.37 -19.18
CA ALA A 45 -21.51 -14.77 -20.45
C ALA A 45 -20.28 -14.26 -21.19
N LEU A 46 -20.29 -14.44 -22.52
CA LEU A 46 -19.29 -13.85 -23.40
C LEU A 46 -20.02 -13.09 -24.50
N TYR A 47 -19.52 -11.91 -24.82
CA TYR A 47 -20.16 -11.00 -25.77
C TYR A 47 -19.08 -10.45 -26.70
N VAL A 48 -19.28 -10.60 -28.00
CA VAL A 48 -18.38 -10.03 -29.02
C VAL A 48 -19.20 -9.33 -30.11
N ASN A 49 -18.50 -8.56 -30.94
CA ASN A 49 -19.13 -7.87 -32.07
C ASN A 49 -19.43 -8.85 -33.20
N LYS A 50 -18.38 -9.31 -33.88
CA LYS A 50 -18.52 -10.16 -35.08
C LYS A 50 -17.52 -11.33 -35.21
N SER A 51 -16.62 -11.53 -34.23
CA SER A 51 -15.58 -12.55 -34.32
C SER A 51 -16.15 -13.89 -33.88
N VAL A 52 -16.98 -14.47 -34.76
CA VAL A 52 -17.76 -15.66 -34.43
C VAL A 52 -16.91 -16.90 -34.16
N ASN A 53 -15.80 -17.06 -34.89
CA ASN A 53 -14.91 -18.20 -34.69
C ASN A 53 -14.17 -18.10 -33.36
N GLU A 54 -13.67 -16.90 -33.05
CA GLU A 54 -12.95 -16.66 -31.80
C GLU A 54 -13.89 -16.87 -30.60
N LEU A 55 -15.13 -16.39 -30.72
CA LEU A 55 -16.15 -16.60 -29.67
C LEU A 55 -16.46 -18.09 -29.49
N TYR A 56 -16.61 -18.80 -30.60
CA TYR A 56 -16.82 -20.25 -30.55
C TYR A 56 -15.69 -20.98 -29.80
N GLU A 57 -14.45 -20.63 -30.09
CA GLU A 57 -13.29 -21.20 -29.38
C GLU A 57 -13.31 -20.91 -27.89
N GLN A 58 -13.70 -19.69 -27.52
CA GLN A 58 -13.85 -19.34 -26.10
C GLN A 58 -15.02 -20.09 -25.46
N ALA A 59 -16.12 -20.23 -26.19
CA ALA A 59 -17.28 -20.98 -25.69
C ALA A 59 -16.95 -22.45 -25.40
N ARG A 60 -16.16 -23.07 -26.29
CA ARG A 60 -15.68 -24.45 -26.12
C ARG A 60 -14.95 -24.65 -24.79
N GLU A 61 -14.13 -23.67 -24.41
CA GLU A 61 -13.35 -23.75 -23.17
C GLU A 61 -14.19 -23.41 -21.94
N PHE A 62 -14.82 -22.23 -21.95
CA PHE A 62 -15.42 -21.68 -20.73
C PHE A 62 -16.88 -22.07 -20.51
N LEU A 63 -17.56 -22.54 -21.56
CA LEU A 63 -18.92 -23.06 -21.47
C LEU A 63 -19.90 -22.12 -20.74
N PRO A 64 -19.95 -20.84 -21.17
CA PRO A 64 -20.82 -19.90 -20.46
C PRO A 64 -22.30 -20.16 -20.69
N GLU A 65 -23.11 -19.88 -19.65
CA GLU A 65 -24.57 -19.95 -19.76
C GLU A 65 -25.10 -19.11 -20.91
N TYR A 66 -24.50 -17.93 -21.13
CA TYR A 66 -24.90 -17.01 -22.20
C TYR A 66 -23.81 -16.80 -23.24
N LEU A 67 -24.20 -16.73 -24.51
CA LEU A 67 -23.35 -16.23 -25.59
C LEU A 67 -24.10 -15.14 -26.31
N CYS A 68 -23.41 -14.07 -26.68
CA CYS A 68 -24.00 -13.00 -27.47
C CYS A 68 -23.04 -12.50 -28.54
N ILE A 69 -23.56 -12.30 -29.74
CA ILE A 69 -22.77 -11.73 -30.83
C ILE A 69 -23.55 -10.54 -31.36
N HIS A 70 -22.91 -9.38 -31.47
CA HIS A 70 -23.64 -8.14 -31.79
C HIS A 70 -24.17 -8.14 -33.22
N ASP A 71 -23.33 -8.59 -34.15
CA ASP A 71 -23.68 -8.65 -35.57
C ASP A 71 -24.69 -9.79 -35.80
N LYS A 72 -25.93 -9.42 -36.11
CA LYS A 72 -27.01 -10.38 -36.44
C LYS A 72 -26.70 -11.26 -37.66
N SER A 73 -25.86 -10.78 -38.57
CA SER A 73 -25.49 -11.55 -39.78
C SER A 73 -24.70 -12.84 -39.51
N VAL A 74 -24.05 -12.95 -38.35
CA VAL A 74 -23.31 -14.18 -37.98
C VAL A 74 -23.98 -14.97 -36.83
N TYR A 75 -25.23 -14.64 -36.51
CA TYR A 75 -25.96 -15.26 -35.40
C TYR A 75 -26.26 -16.73 -35.66
N GLU A 76 -26.77 -17.05 -36.85
CA GLU A 76 -27.05 -18.44 -37.22
C GLU A 76 -25.76 -19.25 -37.33
N GLU A 77 -24.70 -18.65 -37.87
CA GLU A 77 -23.37 -19.27 -37.94
C GLU A 77 -22.86 -19.68 -36.56
N LEU A 78 -23.00 -18.77 -35.58
CA LEU A 78 -22.65 -19.08 -34.19
C LEU A 78 -23.47 -20.25 -33.66
N LYS A 79 -24.78 -20.22 -33.92
CA LYS A 79 -25.69 -21.28 -33.49
C LYS A 79 -25.26 -22.65 -34.02
N GLU A 80 -24.86 -22.70 -35.29
CA GLU A 80 -24.38 -23.95 -35.91
C GLU A 80 -23.01 -24.39 -35.37
N LEU A 81 -22.08 -23.45 -35.20
CA LEU A 81 -20.75 -23.78 -34.64
C LEU A 81 -20.87 -24.36 -33.24
N VAL A 82 -21.71 -23.75 -32.40
CA VAL A 82 -21.88 -24.17 -30.99
C VAL A 82 -22.49 -25.58 -30.83
N LYS A 83 -23.19 -26.09 -31.85
CA LYS A 83 -23.67 -27.49 -31.84
C LYS A 83 -22.55 -28.54 -31.77
N ASN A 84 -21.34 -28.18 -32.20
CA ASN A 84 -20.16 -29.05 -32.13
C ASN A 84 -19.64 -29.29 -30.68
N ILE A 85 -20.07 -28.47 -29.71
CA ILE A 85 -19.61 -28.59 -28.33
C ILE A 85 -20.51 -29.56 -27.56
N LYS A 86 -19.89 -30.56 -26.92
CA LYS A 86 -20.60 -31.62 -26.21
C LYS A 86 -21.18 -31.12 -24.89
N ASP A 87 -22.35 -31.65 -24.52
CA ASP A 87 -22.95 -31.42 -23.19
C ASP A 87 -23.10 -29.93 -22.85
N TYR A 88 -23.59 -29.16 -23.81
CA TYR A 88 -23.59 -27.71 -23.73
C TYR A 88 -24.76 -27.12 -24.51
N LYS A 89 -25.71 -26.54 -23.77
CA LYS A 89 -26.90 -25.93 -24.36
C LYS A 89 -27.04 -24.49 -23.84
N PRO A 90 -26.22 -23.57 -24.36
CA PRO A 90 -26.23 -22.19 -23.86
C PRO A 90 -27.43 -21.39 -24.34
N ILE A 91 -27.67 -20.25 -23.72
CA ILE A 91 -28.61 -19.26 -24.23
C ILE A 91 -27.83 -18.40 -25.21
N ILE A 92 -28.18 -18.48 -26.49
CA ILE A 92 -27.47 -17.77 -27.56
C ILE A 92 -28.31 -16.57 -28.00
N LEU A 93 -27.76 -15.38 -27.81
CA LEU A 93 -28.47 -14.13 -28.08
C LEU A 93 -27.69 -13.32 -29.09
N CYS A 94 -28.27 -12.20 -29.53
N CYS A 94 -28.26 -12.20 -29.53
CA CYS A 94 -27.64 -11.31 -30.48
CA CYS A 94 -27.57 -11.30 -30.44
C CYS A 94 -28.03 -9.85 -30.26
C CYS A 94 -28.02 -9.87 -30.27
N GLY A 95 -27.18 -8.94 -30.74
CA GLY A 95 -27.44 -7.51 -30.70
C GLY A 95 -27.47 -6.86 -29.33
N ASP A 96 -27.94 -5.61 -29.30
CA ASP A 96 -28.17 -4.88 -28.05
C ASP A 96 -29.17 -5.58 -27.14
N GLU A 97 -30.17 -6.26 -27.73
CA GLU A 97 -31.16 -6.99 -26.93
C GLU A 97 -30.52 -8.12 -26.11
N GLY A 98 -29.57 -8.83 -26.71
CA GLY A 98 -28.84 -9.88 -26.00
C GLY A 98 -27.95 -9.33 -24.89
N MET A 99 -27.24 -8.24 -25.20
CA MET A 99 -26.44 -7.52 -24.20
C MET A 99 -27.27 -7.12 -22.99
N LYS A 100 -28.46 -6.57 -23.25
CA LYS A 100 -29.35 -6.11 -22.17
C LYS A 100 -29.93 -7.26 -21.34
N GLU A 101 -30.26 -8.38 -21.99
CA GLU A 101 -30.75 -9.57 -21.28
C GLU A 101 -29.66 -10.13 -20.37
N ILE A 102 -28.41 -10.15 -20.87
CA ILE A 102 -27.26 -10.58 -20.05
C ILE A 102 -27.12 -9.67 -18.82
N CYS A 103 -27.13 -8.36 -19.03
CA CYS A 103 -27.04 -7.38 -17.92
C CYS A 103 -28.12 -7.56 -16.87
N SER A 104 -29.32 -7.94 -17.29
CA SER A 104 -30.45 -8.14 -16.38
C SER A 104 -30.49 -9.50 -15.67
N SER A 105 -29.59 -10.42 -16.04
CA SER A 105 -29.56 -11.74 -15.40
C SER A 105 -29.15 -11.68 -13.93
N ASN A 106 -29.95 -12.31 -13.08
CA ASN A 106 -29.63 -12.48 -11.66
C ASN A 106 -28.40 -13.38 -11.45
N SER A 107 -28.05 -14.19 -12.44
CA SER A 107 -26.91 -15.10 -12.36
C SER A 107 -25.54 -14.43 -12.60
N ILE A 108 -25.52 -13.15 -12.97
CA ILE A 108 -24.28 -12.42 -13.25
C ILE A 108 -24.07 -11.31 -12.24
N ASP A 109 -22.90 -11.29 -11.61
CA ASP A 109 -22.57 -10.32 -10.57
C ASP A 109 -21.62 -9.23 -11.06
N LYS A 110 -20.68 -9.60 -11.93
CA LYS A 110 -19.62 -8.68 -12.34
C LYS A 110 -19.49 -8.71 -13.85
N ILE A 111 -19.26 -7.56 -14.45
CA ILE A 111 -19.14 -7.45 -15.91
C ILE A 111 -17.86 -6.71 -16.25
N VAL A 112 -17.00 -7.36 -17.03
CA VAL A 112 -15.77 -6.76 -17.54
C VAL A 112 -16.12 -6.08 -18.84
N ILE A 113 -15.90 -4.77 -18.92
CA ILE A 113 -16.20 -3.99 -20.12
C ILE A 113 -14.89 -3.86 -20.89
N GLY A 114 -14.73 -4.70 -21.91
CA GLY A 114 -13.56 -4.64 -22.80
C GLY A 114 -13.99 -4.19 -24.18
N ILE A 115 -14.74 -3.09 -24.23
CA ILE A 115 -15.25 -2.50 -25.47
C ILE A 115 -14.93 -1.01 -25.45
N ASP A 116 -14.34 -0.51 -26.54
CA ASP A 116 -14.03 0.91 -26.70
C ASP A 116 -15.26 1.63 -27.28
N SER A 117 -15.18 2.94 -27.41
CA SER A 117 -16.17 3.75 -28.13
C SER A 117 -17.59 3.68 -27.52
N PHE A 118 -18.61 4.02 -28.31
CA PHE A 118 -20.00 4.16 -27.81
C PHE A 118 -20.60 2.88 -27.21
N GLN A 119 -20.35 1.73 -27.83
CA GLN A 119 -20.95 0.48 -27.35
C GLN A 119 -20.44 0.10 -25.95
N GLY A 120 -19.21 0.48 -25.63
CA GLY A 120 -18.64 0.32 -24.29
C GLY A 120 -19.39 1.15 -23.26
N LEU A 121 -19.69 2.40 -23.60
CA LEU A 121 -20.46 3.28 -22.72
C LEU A 121 -21.90 2.81 -22.57
N TYR A 122 -22.54 2.45 -23.68
CA TYR A 122 -23.92 1.94 -23.68
C TYR A 122 -24.02 0.67 -22.81
N SER A 123 -23.06 -0.24 -22.95
CA SER A 123 -23.02 -1.47 -22.16
CA SER A 123 -23.04 -1.47 -22.16
C SER A 123 -22.76 -1.18 -20.68
N THR A 124 -21.85 -0.25 -20.41
CA THR A 124 -21.58 0.20 -19.03
C THR A 124 -22.85 0.74 -18.38
N MET A 125 -23.58 1.56 -19.13
CA MET A 125 -24.85 2.12 -18.66
C MET A 125 -25.84 1.01 -18.26
N TYR A 126 -26.03 0.04 -19.14
CA TYR A 126 -26.93 -1.08 -18.82
C TYR A 126 -26.47 -1.93 -17.64
N ALA A 127 -25.16 -2.13 -17.53
CA ALA A 127 -24.59 -2.84 -16.37
C ALA A 127 -24.92 -2.08 -15.07
N ILE A 128 -24.75 -0.76 -15.09
CA ILE A 128 -25.05 0.08 -13.93
C ILE A 128 -26.57 0.08 -13.61
N MET A 129 -27.39 0.20 -14.64
CA MET A 129 -28.86 0.16 -14.45
C MET A 129 -29.35 -1.14 -13.83
N ASN A 130 -28.59 -2.22 -14.02
CA ASN A 130 -28.88 -3.51 -13.38
C ASN A 130 -28.09 -3.76 -12.09
N ASN A 131 -27.51 -2.71 -11.51
CA ASN A 131 -26.85 -2.79 -10.21
C ASN A 131 -25.69 -3.79 -10.13
N LYS A 132 -24.99 -3.94 -11.24
CA LYS A 132 -23.84 -4.83 -11.30
C LYS A 132 -22.54 -4.14 -10.87
N ILE A 133 -21.55 -4.98 -10.60
CA ILE A 133 -20.17 -4.52 -10.46
C ILE A 133 -19.60 -4.47 -11.88
N VAL A 134 -19.04 -3.33 -12.25
CA VAL A 134 -18.56 -3.08 -13.60
C VAL A 134 -17.06 -2.86 -13.55
N ALA A 135 -16.30 -3.80 -14.11
CA ALA A 135 -14.84 -3.69 -14.21
C ALA A 135 -14.51 -2.94 -15.49
N LEU A 136 -14.07 -1.69 -15.35
CA LEU A 136 -14.00 -0.76 -16.48
C LEU A 136 -12.57 -0.26 -16.70
N ALA A 137 -12.05 -0.49 -17.91
CA ALA A 137 -10.74 0.03 -18.33
C ALA A 137 -10.81 1.23 -19.29
N ASN A 138 -11.98 1.45 -19.91
CA ASN A 138 -12.17 2.52 -20.90
C ASN A 138 -12.12 3.91 -20.27
N LYS A 139 -10.91 4.48 -20.18
CA LYS A 139 -10.71 5.79 -19.57
C LYS A 139 -11.40 6.93 -20.32
N GLU A 140 -11.50 6.80 -21.63
CA GLU A 140 -12.14 7.82 -22.46
C GLU A 140 -13.61 8.03 -22.06
N SER A 141 -14.30 6.94 -21.73
CA SER A 141 -15.70 7.04 -21.28
C SER A 141 -15.85 7.73 -19.93
N ILE A 142 -14.89 7.51 -19.03
CA ILE A 142 -14.92 8.17 -17.71
C ILE A 142 -14.60 9.66 -17.89
N VAL A 143 -13.60 9.96 -18.72
CA VAL A 143 -13.23 11.34 -19.01
C VAL A 143 -14.38 12.08 -19.69
N SER A 144 -15.00 11.45 -20.69
CA SER A 144 -16.01 12.14 -21.50
C SER A 144 -17.38 12.22 -20.84
N ALA A 145 -17.76 11.19 -20.09
CA ALA A 145 -19.12 11.09 -19.53
C ALA A 145 -19.14 10.90 -18.02
N GLY A 146 -18.08 11.32 -17.34
CA GLY A 146 -17.97 11.18 -15.89
C GLY A 146 -19.18 11.69 -15.11
N PHE A 147 -19.69 12.87 -15.50
CA PHE A 147 -20.90 13.47 -14.89
C PHE A 147 -22.06 12.53 -14.96
N PHE A 148 -22.29 12.02 -16.17
CA PHE A 148 -23.39 11.11 -16.45
C PHE A 148 -23.23 9.82 -15.64
N LEU A 149 -22.02 9.26 -15.60
CA LEU A 149 -21.79 8.05 -14.82
C LEU A 149 -22.00 8.27 -13.31
N LYS A 150 -21.56 9.43 -12.80
CA LYS A 150 -21.78 9.78 -11.38
C LYS A 150 -23.27 9.85 -11.04
N LYS A 151 -24.02 10.54 -11.88
CA LYS A 151 -25.47 10.64 -11.72
C LYS A 151 -26.13 9.26 -11.74
N LEU A 152 -25.74 8.43 -12.70
CA LEU A 152 -26.30 7.09 -12.86
C LEU A 152 -25.99 6.22 -11.63
N LEU A 153 -24.76 6.31 -11.13
CA LEU A 153 -24.34 5.58 -9.93
C LEU A 153 -25.05 6.05 -8.64
N ASN A 154 -25.48 7.31 -8.60
CA ASN A 154 -26.27 7.81 -7.47
C ASN A 154 -27.68 7.21 -7.46
N ILE A 155 -28.23 6.95 -8.65
CA ILE A 155 -29.57 6.36 -8.78
C ILE A 155 -29.53 4.86 -8.50
N HIS A 156 -28.54 4.17 -9.06
CA HIS A 156 -28.44 2.71 -8.94
C HIS A 156 -27.44 2.38 -7.85
N LYS A 157 -27.96 2.29 -6.62
CA LYS A 157 -27.14 2.37 -5.43
C LYS A 157 -26.17 1.21 -5.23
N ASN A 158 -26.55 0.01 -5.67
CA ASN A 158 -25.67 -1.16 -5.60
C ASN A 158 -24.72 -1.34 -6.78
N ALA A 159 -24.86 -0.53 -7.83
CA ALA A 159 -23.94 -0.57 -8.96
C ALA A 159 -22.60 0.00 -8.51
N LYS A 160 -21.50 -0.57 -9.03
CA LYS A 160 -20.17 -0.09 -8.71
C LYS A 160 -19.28 -0.17 -9.94
N ILE A 161 -18.52 0.90 -10.19
CA ILE A 161 -17.40 0.87 -11.13
C ILE A 161 -16.14 0.51 -10.34
N ILE A 162 -15.44 -0.54 -10.76
CA ILE A 162 -14.16 -0.91 -10.19
C ILE A 162 -13.11 -0.65 -11.28
N PRO A 163 -12.10 0.19 -10.98
CA PRO A 163 -11.18 0.58 -12.06
C PRO A 163 -10.21 -0.53 -12.45
N VAL A 164 -10.01 -0.68 -13.76
CA VAL A 164 -9.06 -1.64 -14.33
C VAL A 164 -7.83 -0.93 -14.94
N ASP A 165 -7.96 0.32 -15.38
CA ASP A 165 -6.80 1.10 -15.83
C ASP A 165 -5.71 0.97 -14.75
N SER A 166 -4.48 0.62 -15.15
CA SER A 166 -3.49 0.08 -14.20
C SER A 166 -3.16 1.01 -13.03
N GLU A 167 -3.08 2.31 -13.31
CA GLU A 167 -2.73 3.30 -12.29
C GLU A 167 -3.87 3.46 -11.29
N HIS A 168 -5.09 3.35 -11.80
CA HIS A 168 -6.28 3.58 -10.99
C HIS A 168 -6.61 2.33 -10.19
N SER A 169 -6.32 1.17 -10.76
CA SER A 169 -6.31 -0.09 -9.98
C SER A 169 -5.27 -0.02 -8.87
N ALA A 170 -4.07 0.48 -9.20
CA ALA A 170 -3.03 0.65 -8.20
C ALA A 170 -3.53 1.52 -7.05
N ILE A 171 -4.08 2.69 -7.38
CA ILE A 171 -4.64 3.61 -6.37
C ILE A 171 -5.69 2.89 -5.53
N PHE A 172 -6.62 2.20 -6.18
CA PHE A 172 -7.70 1.49 -5.50
C PHE A 172 -7.15 0.41 -4.56
N GLN A 173 -6.11 -0.30 -5.01
CA GLN A 173 -5.44 -1.32 -4.19
C GLN A 173 -4.70 -0.74 -2.98
N CYS A 174 -4.33 0.54 -3.03
CA CYS A 174 -3.68 1.22 -1.91
C CYS A 174 -4.61 1.68 -0.81
N LEU A 175 -5.92 1.49 -0.98
CA LEU A 175 -6.91 1.97 -0.04
C LEU A 175 -7.28 0.90 0.97
N ASP A 176 -7.89 1.35 2.06
CA ASP A 176 -8.40 0.50 3.12
C ASP A 176 -9.83 0.15 2.78
N ASN A 177 -10.13 -1.13 2.55
CA ASN A 177 -11.51 -1.51 2.18
C ASN A 177 -12.52 -1.34 3.29
N ASN A 178 -12.08 -1.25 4.54
CA ASN A 178 -12.98 -0.88 5.63
C ASN A 178 -13.58 0.52 5.39
N LYS A 179 -12.81 1.39 4.73
CA LYS A 179 -13.28 2.71 4.33
C LYS A 179 -13.94 2.69 2.94
N VAL A 180 -13.35 1.98 1.98
CA VAL A 180 -13.92 1.91 0.61
C VAL A 180 -15.37 1.41 0.66
N LEU A 181 -15.62 0.40 1.48
CA LEU A 181 -16.95 -0.19 1.59
C LEU A 181 -18.06 0.75 2.12
N LYS A 182 -17.66 1.86 2.73
CA LYS A 182 -18.60 2.91 3.17
C LYS A 182 -19.03 3.85 2.04
N THR A 183 -18.38 3.74 0.88
CA THR A 183 -18.64 4.62 -0.26
C THR A 183 -18.47 3.75 -1.53
N LYS A 184 -18.16 4.38 -2.65
CA LYS A 184 -17.80 3.67 -3.88
C LYS A 184 -17.19 4.66 -4.84
N CYS A 185 -16.50 4.14 -5.86
CA CYS A 185 -15.86 5.01 -6.86
C CYS A 185 -16.86 5.90 -7.59
N LEU A 186 -16.36 7.04 -8.06
CA LEU A 186 -17.13 8.01 -8.85
C LEU A 186 -18.29 8.59 -8.05
N GLN A 187 -18.02 8.83 -6.77
CA GLN A 187 -18.96 9.44 -5.83
C GLN A 187 -18.33 10.61 -5.11
N ASP A 188 -19.14 11.62 -4.82
CA ASP A 188 -18.69 12.73 -4.01
C ASP A 188 -18.22 12.24 -2.65
N ASN A 189 -17.16 12.89 -2.16
CA ASN A 189 -16.57 12.62 -0.83
C ASN A 189 -15.78 11.31 -0.71
N PHE A 190 -15.48 10.66 -1.84
CA PHE A 190 -14.72 9.41 -1.81
C PHE A 190 -13.35 9.61 -1.14
N SER A 191 -12.68 10.71 -1.50
N SER A 191 -12.67 10.70 -1.51
CA SER A 191 -11.34 10.97 -0.96
CA SER A 191 -11.35 10.98 -0.94
C SER A 191 -11.39 11.32 0.53
C SER A 191 -11.43 11.27 0.55
N LYS A 192 -12.43 12.06 0.95
CA LYS A 192 -12.64 12.40 2.37
C LYS A 192 -12.87 11.15 3.22
N ILE A 193 -13.76 10.27 2.75
CA ILE A 193 -14.06 9.03 3.45
C ILE A 193 -12.83 8.12 3.55
N ASN A 194 -11.99 8.12 2.52
CA ASN A 194 -10.78 7.30 2.49
C ASN A 194 -9.51 7.99 3.01
N ASN A 195 -9.65 9.20 3.57
CA ASN A 195 -8.52 9.97 4.11
C ASN A 195 -7.42 10.23 3.07
N ILE A 196 -7.79 10.35 1.80
CA ILE A 196 -6.82 10.59 0.73
C ILE A 196 -6.46 12.07 0.67
N ASN A 197 -5.16 12.35 0.64
CA ASN A 197 -4.68 13.73 0.51
C ASN A 197 -4.23 14.08 -0.90
N LYS A 198 -3.57 13.15 -1.57
CA LYS A 198 -2.86 13.45 -2.81
C LYS A 198 -2.52 12.14 -3.54
N ILE A 199 -2.40 12.22 -4.86
CA ILE A 199 -2.08 11.06 -5.71
C ILE A 199 -0.80 11.30 -6.48
N PHE A 200 0.10 10.31 -6.47
CA PHE A 200 1.21 10.22 -7.41
C PHE A 200 0.76 9.29 -8.53
N LEU A 201 0.56 9.86 -9.72
CA LEU A 201 0.08 9.13 -10.87
C LEU A 201 1.29 8.80 -11.75
N CYS A 202 1.68 7.51 -11.78
CA CYS A 202 2.93 7.11 -12.42
C CYS A 202 2.75 6.98 -13.92
N SER A 203 3.76 7.43 -14.66
CA SER A 203 3.82 7.34 -16.11
C SER A 203 5.13 6.69 -16.52
N SER A 204 5.09 5.84 -17.55
CA SER A 204 6.33 5.37 -18.17
C SER A 204 7.15 6.53 -18.77
N GLY A 205 6.44 7.58 -19.18
CA GLY A 205 7.06 8.70 -19.88
C GLY A 205 7.12 8.52 -21.39
N GLY A 206 6.83 7.31 -21.88
CA GLY A 206 6.86 7.04 -23.32
C GLY A 206 8.26 7.10 -23.90
N PRO A 207 8.37 7.07 -25.24
CA PRO A 207 9.68 7.02 -25.89
C PRO A 207 10.45 8.34 -25.95
N PHE A 208 9.84 9.48 -25.63
CA PHE A 208 10.45 10.79 -25.92
C PHE A 208 10.98 11.62 -24.73
N GLN A 209 11.19 11.03 -23.55
CA GLN A 209 11.61 11.82 -22.36
C GLN A 209 12.92 12.56 -22.45
N ASN A 210 13.87 12.04 -23.21
CA ASN A 210 15.18 12.66 -23.27
C ASN A 210 15.33 13.60 -24.47
N LEU A 211 14.29 13.72 -25.30
CA LEU A 211 14.37 14.51 -26.53
C LEU A 211 14.23 15.99 -26.27
N THR A 212 14.94 16.78 -27.08
CA THR A 212 14.85 18.23 -27.03
C THR A 212 13.58 18.69 -27.73
N MET A 213 13.24 19.95 -27.51
CA MET A 213 12.10 20.58 -28.20
C MET A 213 12.26 20.48 -29.72
N ASP A 214 13.47 20.76 -30.22
CA ASP A 214 13.73 20.65 -31.66
C ASP A 214 13.62 19.22 -32.18
N GLU A 215 14.04 18.22 -31.38
CA GLU A 215 13.85 16.82 -31.75
C GLU A 215 12.37 16.43 -31.75
N LEU A 216 11.61 16.89 -30.74
CA LEU A 216 10.17 16.64 -30.69
C LEU A 216 9.42 17.21 -31.88
N LYS A 217 9.87 18.37 -32.37
CA LYS A 217 9.25 18.97 -33.55
C LYS A 217 9.09 17.98 -34.70
N ASN A 218 10.09 17.11 -34.88
CA ASN A 218 10.17 16.22 -36.04
C ASN A 218 9.89 14.74 -35.79
N VAL A 219 9.49 14.35 -34.58
CA VAL A 219 9.17 12.93 -34.33
C VAL A 219 7.98 12.47 -35.16
N THR A 220 8.06 11.23 -35.65
CA THR A 220 7.03 10.63 -36.49
C THR A 220 6.24 9.62 -35.67
N SER A 221 5.11 9.16 -36.21
CA SER A 221 4.34 8.10 -35.58
C SER A 221 5.13 6.79 -35.53
N GLU A 222 5.98 6.54 -36.53
CA GLU A 222 6.87 5.37 -36.49
C GLU A 222 7.82 5.43 -35.28
N ASN A 223 8.37 6.60 -34.98
CA ASN A 223 9.19 6.82 -33.76
C ASN A 223 8.36 6.55 -32.51
N ALA A 224 7.16 7.12 -32.49
CA ALA A 224 6.25 7.03 -31.35
C ALA A 224 5.79 5.61 -31.05
N LEU A 225 5.60 4.80 -32.09
CA LEU A 225 5.13 3.43 -31.89
C LEU A 225 6.15 2.48 -31.21
N LYS A 226 7.42 2.88 -31.12
CA LYS A 226 8.45 2.09 -30.41
C LYS A 226 8.47 2.45 -28.92
N HIS A 227 7.47 1.97 -28.19
CA HIS A 227 7.34 2.23 -26.76
C HIS A 227 8.42 1.43 -26.01
N PRO A 228 9.07 2.05 -24.99
CA PRO A 228 10.19 1.37 -24.30
C PRO A 228 9.83 0.15 -23.42
N LYS A 229 8.66 0.17 -22.77
CA LYS A 229 8.26 -0.86 -21.81
C LYS A 229 7.10 -1.81 -22.19
N TRP A 230 6.31 -1.48 -23.21
CA TRP A 230 4.99 -2.12 -23.37
C TRP A 230 4.40 -2.07 -24.77
N LYS A 231 4.10 -3.25 -25.32
CA LYS A 231 3.34 -3.41 -26.56
C LYS A 231 1.86 -3.24 -26.24
N MET A 232 1.21 -2.27 -26.88
CA MET A 232 -0.22 -2.00 -26.72
C MET A 232 -0.77 -1.38 -28.00
N GLY A 233 -2.08 -1.10 -28.03
CA GLY A 233 -2.76 -0.56 -29.22
C GLY A 233 -2.17 0.76 -29.73
N LYS A 234 -2.41 1.05 -31.01
CA LYS A 234 -1.79 2.22 -31.66
C LYS A 234 -2.24 3.54 -31.03
N LYS A 235 -3.54 3.68 -30.78
CA LYS A 235 -4.09 4.90 -30.19
C LYS A 235 -3.47 5.21 -28.83
N ILE A 236 -3.50 4.26 -27.90
CA ILE A 236 -2.86 4.48 -26.59
C ILE A 236 -1.34 4.65 -26.69
N THR A 237 -0.70 4.01 -27.67
CA THR A 237 0.74 4.18 -27.85
C THR A 237 1.08 5.63 -28.23
N ILE A 238 0.29 6.22 -29.11
CA ILE A 238 0.44 7.65 -29.45
C ILE A 238 0.17 8.52 -28.22
N ASP A 239 -0.90 8.23 -27.48
CA ASP A 239 -1.17 8.95 -26.22
C ASP A 239 -0.06 8.84 -25.19
N SER A 240 0.61 7.70 -25.12
CA SER A 240 1.78 7.54 -24.24
C SER A 240 2.95 8.40 -24.73
N ALA A 241 3.10 8.50 -26.04
CA ALA A 241 4.17 9.31 -26.62
C ALA A 241 4.00 10.82 -26.33
N THR A 242 2.76 11.30 -26.41
CA THR A 242 2.47 12.71 -26.13
C THR A 242 2.24 12.99 -24.65
N MET A 243 2.11 11.93 -23.85
CA MET A 243 1.66 11.96 -22.44
C MET A 243 0.21 12.42 -22.26
N MET A 244 -0.55 12.52 -23.36
CA MET A 244 -1.98 12.73 -23.23
C MET A 244 -2.63 11.53 -22.55
N ASN A 245 -2.02 10.35 -22.61
CA ASN A 245 -2.55 9.21 -21.87
C ASN A 245 -2.62 9.57 -20.39
N LYS A 246 -1.54 10.12 -19.86
CA LYS A 246 -1.53 10.55 -18.47
C LYS A 246 -2.48 11.73 -18.22
N GLY A 247 -2.60 12.63 -19.19
CA GLY A 247 -3.57 13.71 -19.11
C GLY A 247 -4.98 13.20 -18.90
N LEU A 248 -5.39 12.27 -19.74
CA LEU A 248 -6.70 11.65 -19.61
C LEU A 248 -6.84 10.93 -18.27
N GLU A 249 -5.76 10.29 -17.83
CA GLU A 249 -5.76 9.58 -16.55
C GLU A 249 -5.82 10.50 -15.33
N VAL A 250 -5.33 11.73 -15.46
CA VAL A 250 -5.50 12.75 -14.40
C VAL A 250 -6.99 13.00 -14.18
N ILE A 251 -7.72 13.23 -15.27
CA ILE A 251 -9.16 13.46 -15.19
C ILE A 251 -9.87 12.19 -14.69
N GLU A 252 -9.44 11.04 -15.18
CA GLU A 252 -9.98 9.75 -14.69
C GLU A 252 -9.82 9.64 -13.15
N THR A 253 -8.65 10.00 -12.65
CA THR A 253 -8.38 10.01 -11.21
C THR A 253 -9.33 10.94 -10.45
N HIS A 254 -9.48 12.16 -10.97
CA HIS A 254 -10.38 13.12 -10.36
C HIS A 254 -11.80 12.57 -10.24
N PHE A 255 -12.30 11.97 -11.32
CA PHE A 255 -13.67 11.45 -11.29
C PHE A 255 -13.84 10.20 -10.44
N LEU A 256 -12.95 9.23 -10.59
CA LEU A 256 -13.06 7.98 -9.83
C LEU A 256 -12.95 8.16 -8.31
N PHE A 257 -12.07 9.06 -7.89
CA PHE A 257 -11.68 9.14 -6.47
C PHE A 257 -11.98 10.49 -5.81
N ASP A 258 -12.61 11.41 -6.54
CA ASP A 258 -12.92 12.76 -6.06
C ASP A 258 -11.70 13.44 -5.45
N VAL A 259 -10.59 13.38 -6.18
CA VAL A 259 -9.34 14.02 -5.81
C VAL A 259 -9.25 15.34 -6.59
N ASP A 260 -8.98 16.44 -5.90
CA ASP A 260 -8.81 17.75 -6.55
C ASP A 260 -7.62 17.72 -7.49
N TYR A 261 -7.71 18.43 -8.60
CA TYR A 261 -6.62 18.46 -9.60
C TYR A 261 -5.29 18.95 -9.03
N ASN A 262 -5.32 19.91 -8.10
CA ASN A 262 -4.09 20.38 -7.44
C ASN A 262 -3.40 19.29 -6.62
N ASP A 263 -4.15 18.24 -6.26
CA ASP A 263 -3.61 17.12 -5.48
C ASP A 263 -3.29 15.88 -6.33
N ILE A 264 -3.17 16.02 -7.64
CA ILE A 264 -2.77 14.92 -8.51
C ILE A 264 -1.46 15.32 -9.16
N GLU A 265 -0.41 14.54 -8.90
CA GLU A 265 0.92 14.79 -9.45
C GLU A 265 1.29 13.69 -10.43
N VAL A 266 1.58 14.06 -11.67
CA VAL A 266 2.11 13.12 -12.65
C VAL A 266 3.61 12.96 -12.40
N ILE A 267 4.07 11.72 -12.30
CA ILE A 267 5.48 11.46 -12.05
C ILE A 267 5.96 10.39 -13.03
N VAL A 268 7.12 10.65 -13.63
CA VAL A 268 7.66 9.75 -14.64
C VAL A 268 8.49 8.70 -13.93
N HIS A 269 8.05 7.44 -14.04
CA HIS A 269 8.69 6.29 -13.45
C HIS A 269 8.94 5.27 -14.57
N LYS A 270 10.10 5.38 -15.19
CA LYS A 270 10.34 4.64 -16.44
C LYS A 270 10.36 3.13 -16.31
N GLU A 271 10.65 2.62 -15.12
CA GLU A 271 10.70 1.17 -14.89
C GLU A 271 9.31 0.51 -14.85
N CYS A 272 8.27 1.29 -14.61
CA CYS A 272 6.89 0.80 -14.60
C CYS A 272 6.70 -0.39 -13.65
N ILE A 273 7.32 -0.31 -12.47
CA ILE A 273 7.11 -1.26 -11.39
C ILE A 273 6.11 -0.73 -10.37
N ILE A 274 6.37 0.44 -9.80
CA ILE A 274 5.38 1.14 -8.98
C ILE A 274 4.32 1.73 -9.89
N HIS A 275 3.06 1.35 -9.69
CA HIS A 275 2.04 1.71 -10.67
C HIS A 275 1.22 2.93 -10.36
N SER A 276 1.32 3.38 -9.11
CA SER A 276 0.89 4.72 -8.63
C SER A 276 0.88 4.65 -7.10
N CYS A 277 0.74 5.81 -6.46
CA CYS A 277 0.84 5.91 -5.00
C CYS A 277 -0.24 6.82 -4.45
N VAL A 278 -0.66 6.54 -3.23
CA VAL A 278 -1.66 7.35 -2.54
C VAL A 278 -1.02 7.93 -1.28
N GLU A 279 -1.04 9.26 -1.16
CA GLU A 279 -0.64 9.95 0.06
C GLU A 279 -1.88 10.22 0.87
N PHE A 280 -1.90 9.72 2.10
CA PHE A 280 -3.02 9.96 3.02
C PHE A 280 -2.82 11.25 3.81
N ILE A 281 -3.84 11.66 4.53
CA ILE A 281 -3.85 12.97 5.21
C ILE A 281 -2.80 13.11 6.32
N ASP A 282 -2.28 12.00 6.84
CA ASP A 282 -1.12 12.01 7.75
C ASP A 282 0.24 12.15 7.05
N LYS A 283 0.22 12.10 5.71
CA LYS A 283 1.38 12.10 4.80
C LYS A 283 2.05 10.76 4.63
N SER A 284 1.51 9.70 5.22
CA SER A 284 1.99 8.37 4.89
C SER A 284 1.58 8.05 3.44
N VAL A 285 2.47 7.42 2.70
CA VAL A 285 2.24 7.06 1.30
C VAL A 285 2.19 5.54 1.15
N ILE A 286 1.16 5.05 0.46
CA ILE A 286 1.03 3.63 0.13
C ILE A 286 1.12 3.52 -1.38
N SER A 287 1.84 2.50 -1.87
N SER A 287 1.79 2.47 -1.85
CA SER A 287 1.97 2.28 -3.32
CA SER A 287 1.97 2.25 -3.29
C SER A 287 1.74 0.82 -3.65
C SER A 287 1.70 0.80 -3.63
N GLN A 288 1.35 0.56 -4.89
CA GLN A 288 1.17 -0.79 -5.41
C GLN A 288 2.20 -1.00 -6.51
N MET A 289 2.77 -2.20 -6.51
CA MET A 289 3.90 -2.58 -7.35
C MET A 289 3.72 -3.97 -7.92
N TYR A 290 4.13 -4.15 -9.17
CA TYR A 290 4.29 -5.46 -9.78
C TYR A 290 4.98 -5.26 -11.14
N TYR A 291 5.46 -6.32 -11.77
CA TYR A 291 5.87 -6.23 -13.17
C TYR A 291 4.72 -5.66 -14.00
N PRO A 292 5.02 -4.94 -15.09
CA PRO A 292 3.94 -4.56 -16.01
C PRO A 292 3.22 -5.83 -16.51
N ASP A 293 1.96 -5.98 -16.13
CA ASP A 293 1.15 -7.15 -16.46
C ASP A 293 -0.30 -6.80 -16.14
N MET A 294 -1.12 -6.65 -17.17
CA MET A 294 -2.52 -6.25 -16.97
C MET A 294 -3.38 -7.29 -16.24
N GLN A 295 -2.88 -8.51 -16.05
CA GLN A 295 -3.65 -9.52 -15.32
C GLN A 295 -3.92 -9.14 -13.87
N ILE A 296 -2.99 -8.44 -13.21
CA ILE A 296 -3.21 -8.03 -11.82
C ILE A 296 -4.38 -7.04 -11.69
N PRO A 297 -4.37 -5.93 -12.44
CA PRO A 297 -5.53 -5.00 -12.34
C PRO A 297 -6.86 -5.64 -12.69
N ILE A 298 -6.88 -6.47 -13.74
CA ILE A 298 -8.12 -7.15 -14.12
C ILE A 298 -8.57 -8.09 -13.01
N LEU A 299 -7.64 -8.89 -12.48
CA LEU A 299 -8.00 -9.85 -11.46
C LEU A 299 -8.54 -9.16 -10.20
N TYR A 300 -7.88 -8.09 -9.75
CA TYR A 300 -8.36 -7.37 -8.56
C TYR A 300 -9.77 -6.82 -8.77
N SER A 301 -10.05 -6.33 -9.97
CA SER A 301 -11.39 -5.82 -10.27
C SER A 301 -12.46 -6.90 -10.09
N LEU A 302 -12.10 -8.16 -10.32
CA LEU A 302 -13.01 -9.29 -10.15
C LEU A 302 -12.99 -9.97 -8.77
N THR A 303 -11.90 -9.81 -8.00
CA THR A 303 -11.83 -10.40 -6.67
C THR A 303 -12.18 -9.41 -5.56
N TRP A 304 -11.98 -8.11 -5.80
CA TRP A 304 -12.27 -7.06 -4.81
C TRP A 304 -13.61 -7.34 -4.11
N PRO A 305 -13.68 -7.25 -2.77
CA PRO A 305 -12.66 -6.81 -1.80
C PRO A 305 -11.68 -7.88 -1.31
N ASP A 306 -11.68 -9.06 -1.93
N ASP A 306 -11.68 -9.06 -1.93
CA ASP A 306 -10.79 -10.15 -1.58
CA ASP A 306 -10.75 -10.12 -1.57
C ASP A 306 -9.64 -10.23 -2.60
C ASP A 306 -9.63 -10.22 -2.61
N ARG A 307 -8.66 -11.08 -2.31
CA ARG A 307 -7.64 -11.49 -3.28
C ARG A 307 -7.62 -13.01 -3.33
N ILE A 308 -7.17 -13.57 -4.45
CA ILE A 308 -7.09 -15.03 -4.61
C ILE A 308 -5.68 -15.42 -5.06
N LYS A 309 -5.33 -16.68 -4.88
CA LYS A 309 -4.02 -17.15 -5.29
C LYS A 309 -3.84 -17.13 -6.81
N THR A 310 -2.67 -16.68 -7.26
CA THR A 310 -2.22 -16.88 -8.64
C THR A 310 -0.89 -17.63 -8.65
N ASN A 311 -0.49 -18.04 -9.86
CA ASN A 311 0.84 -18.60 -10.10
C ASN A 311 1.70 -17.62 -10.92
N LEU A 312 1.45 -16.31 -10.80
CA LEU A 312 2.26 -15.31 -11.47
C LEU A 312 3.68 -15.27 -10.87
N LYS A 313 4.63 -14.84 -11.69
CA LYS A 313 6.02 -14.68 -11.28
C LYS A 313 6.12 -13.68 -10.13
N PRO A 314 6.73 -14.07 -9.00
CA PRO A 314 6.89 -13.08 -7.91
C PRO A 314 7.87 -11.96 -8.27
N LEU A 315 7.54 -10.74 -7.85
CA LEU A 315 8.42 -9.59 -8.01
C LEU A 315 9.77 -9.83 -7.34
N ASP A 316 10.85 -9.68 -8.09
CA ASP A 316 12.21 -9.80 -7.57
C ASP A 316 12.79 -8.40 -7.47
N LEU A 317 12.60 -7.77 -6.32
CA LEU A 317 13.03 -6.38 -6.13
C LEU A 317 14.53 -6.18 -6.25
N ALA A 318 15.32 -7.12 -5.71
CA ALA A 318 16.77 -7.05 -5.84
C ALA A 318 17.20 -7.07 -7.31
N GLN A 319 16.56 -7.91 -8.11
CA GLN A 319 16.85 -7.97 -9.54
C GLN A 319 16.45 -6.69 -10.26
N VAL A 320 15.26 -6.17 -9.94
CA VAL A 320 14.83 -4.86 -10.47
C VAL A 320 15.87 -3.80 -10.13
N SER A 321 16.32 -3.80 -8.87
CA SER A 321 17.49 -3.07 -8.40
C SER A 321 17.31 -1.56 -8.24
N THR A 322 16.73 -0.90 -9.23
CA THR A 322 16.60 0.56 -9.23
C THR A 322 15.22 0.98 -9.71
N LEU A 323 14.62 1.91 -8.96
CA LEU A 323 13.38 2.57 -9.36
C LEU A 323 13.66 4.06 -9.41
N THR A 324 13.25 4.74 -10.48
CA THR A 324 13.53 6.16 -10.67
C THR A 324 12.27 6.97 -10.86
N PHE A 325 12.34 8.24 -10.49
CA PHE A 325 11.21 9.16 -10.51
C PHE A 325 11.68 10.56 -10.90
N HIS A 326 11.00 11.19 -11.84
CA HIS A 326 11.26 12.59 -12.14
C HIS A 326 10.01 13.28 -12.64
N LYS A 327 10.05 14.61 -12.58
CA LYS A 327 8.93 15.44 -13.03
C LYS A 327 8.88 15.47 -14.55
N PRO A 328 7.66 15.36 -15.14
CA PRO A 328 7.55 15.58 -16.58
C PRO A 328 7.68 17.06 -16.93
N SER A 329 8.30 17.33 -18.08
CA SER A 329 8.40 18.70 -18.57
C SER A 329 7.13 19.06 -19.33
N LEU A 330 6.38 20.04 -18.83
CA LEU A 330 5.15 20.45 -19.49
C LEU A 330 5.38 21.16 -20.82
N GLU A 331 6.57 21.74 -21.01
CA GLU A 331 6.94 22.35 -22.30
C GLU A 331 7.09 21.27 -23.38
N HIS A 332 7.68 20.14 -23.00
CA HIS A 332 7.89 19.02 -23.91
C HIS A 332 6.64 18.17 -24.13
N PHE A 333 5.76 18.14 -23.11
CA PHE A 333 4.54 17.35 -23.13
C PHE A 333 3.34 18.25 -22.81
N PRO A 334 3.05 19.21 -23.71
CA PRO A 334 1.97 20.17 -23.47
C PRO A 334 0.58 19.56 -23.33
N CYS A 335 0.37 18.34 -23.84
CA CYS A 335 -0.91 17.65 -23.64
C CYS A 335 -1.26 17.49 -22.15
N ILE A 336 -0.25 17.33 -21.29
CA ILE A 336 -0.50 17.20 -19.84
C ILE A 336 -1.16 18.47 -19.30
N LYS A 337 -0.58 19.61 -19.63
CA LYS A 337 -1.10 20.89 -19.18
C LYS A 337 -2.54 21.13 -19.68
N LEU A 338 -2.79 20.80 -20.95
CA LEU A 338 -4.13 20.96 -21.53
C LEU A 338 -5.18 20.10 -20.81
N ALA A 339 -4.78 18.89 -20.41
CA ALA A 339 -5.67 18.01 -19.67
C ALA A 339 -6.03 18.61 -18.30
N TYR A 340 -5.03 19.08 -17.57
CA TYR A 340 -5.29 19.74 -16.28
C TYR A 340 -6.19 20.96 -16.46
N GLN A 341 -5.89 21.76 -17.48
CA GLN A 341 -6.69 22.96 -17.73
C GLN A 341 -8.16 22.63 -18.00
N ALA A 342 -8.39 21.62 -18.86
CA ALA A 342 -9.73 21.16 -19.17
C ALA A 342 -10.43 20.60 -17.93
N GLY A 343 -9.70 19.81 -17.15
CA GLY A 343 -10.24 19.25 -15.91
C GLY A 343 -10.63 20.32 -14.91
N ILE A 344 -9.71 21.26 -14.68
CA ILE A 344 -9.93 22.35 -13.74
C ILE A 344 -11.09 23.23 -14.19
N LYS A 345 -11.17 23.51 -15.49
CA LYS A 345 -12.29 24.28 -16.05
C LYS A 345 -13.63 23.55 -15.80
N GLY A 346 -13.62 22.23 -15.91
CA GLY A 346 -14.80 21.41 -15.61
C GLY A 346 -15.81 21.49 -16.72
N ASN A 347 -17.09 21.45 -16.36
CA ASN A 347 -18.17 21.48 -17.35
C ASN A 347 -17.93 20.33 -18.36
N PHE A 348 -18.07 20.58 -19.66
CA PHE A 348 -17.84 19.56 -20.65
C PHE A 348 -16.47 19.71 -21.29
N TYR A 349 -15.57 20.52 -20.71
CA TYR A 349 -14.22 20.62 -21.27
C TYR A 349 -13.50 19.26 -21.35
N PRO A 350 -13.67 18.37 -20.34
CA PRO A 350 -13.08 17.02 -20.54
C PRO A 350 -13.60 16.24 -21.76
N THR A 351 -14.90 16.37 -22.04
CA THR A 351 -15.48 15.77 -23.24
C THR A 351 -14.81 16.31 -24.50
N VAL A 352 -14.61 17.63 -24.53
CA VAL A 352 -13.98 18.31 -25.65
C VAL A 352 -12.52 17.91 -25.81
N LEU A 353 -11.79 17.85 -24.69
CA LEU A 353 -10.40 17.39 -24.66
C LEU A 353 -10.27 16.01 -25.26
N ASN A 354 -11.10 15.09 -24.80
CA ASN A 354 -11.04 13.71 -25.27
C ASN A 354 -11.36 13.60 -26.76
N ALA A 355 -12.43 14.28 -27.19
CA ALA A 355 -12.86 14.23 -28.58
C ALA A 355 -11.84 14.85 -29.54
N SER A 356 -11.32 16.02 -29.20
CA SER A 356 -10.30 16.65 -30.04
C SER A 356 -9.02 15.80 -30.09
N ASN A 357 -8.64 15.20 -28.96
CA ASN A 357 -7.49 14.30 -28.96
C ASN A 357 -7.73 13.08 -29.85
N GLU A 358 -8.94 12.55 -29.87
CA GLU A 358 -9.27 11.42 -30.74
C GLU A 358 -8.90 11.73 -32.20
N ILE A 359 -9.28 12.91 -32.65
CA ILE A 359 -8.97 13.34 -34.02
C ILE A 359 -7.49 13.62 -34.20
N ALA A 360 -6.90 14.38 -33.29
CA ALA A 360 -5.47 14.77 -33.42
C ALA A 360 -4.52 13.58 -33.34
N ASN A 361 -4.79 12.65 -32.42
CA ASN A 361 -4.04 11.40 -32.30
C ASN A 361 -4.05 10.66 -33.64
N ASN A 362 -5.22 10.49 -34.22
CA ASN A 362 -5.35 9.75 -35.47
C ASN A 362 -4.66 10.46 -36.64
N LEU A 363 -4.77 11.77 -36.72
CA LEU A 363 -4.05 12.55 -37.74
C LEU A 363 -2.53 12.38 -37.65
N PHE A 364 -1.99 12.43 -36.43
CA PHE A 364 -0.56 12.18 -36.21
C PHE A 364 -0.16 10.74 -36.54
N LEU A 365 -1.00 9.79 -36.12
CA LEU A 365 -0.77 8.37 -36.41
C LEU A 365 -0.63 8.11 -37.92
N ASN A 366 -1.40 8.85 -38.72
CA ASN A 366 -1.39 8.68 -40.19
C ASN A 366 -0.57 9.75 -40.93
N ASN A 367 0.42 10.33 -40.24
CA ASN A 367 1.40 11.25 -40.84
C ASN A 367 0.79 12.51 -41.47
N LYS A 368 -0.35 12.97 -40.95
CA LYS A 368 -1.04 14.15 -41.47
C LYS A 368 -0.66 15.44 -40.74
N ILE A 369 -0.22 15.31 -39.48
CA ILE A 369 0.23 16.45 -38.68
C ILE A 369 1.47 16.07 -37.90
N LYS A 370 2.08 17.09 -37.30
CA LYS A 370 3.29 16.94 -36.50
C LYS A 370 2.96 16.83 -35.02
N TYR A 371 3.99 16.51 -34.23
CA TYR A 371 3.84 16.29 -32.79
C TYR A 371 3.20 17.48 -32.05
N PHE A 372 3.74 18.68 -32.23
CA PHE A 372 3.17 19.86 -31.55
C PHE A 372 1.84 20.34 -32.14
N ASP A 373 1.50 19.89 -33.35
CA ASP A 373 0.18 20.12 -33.92
C ASP A 373 -0.92 19.40 -33.14
N ILE A 374 -0.58 18.28 -32.48
CA ILE A 374 -1.56 17.53 -31.71
C ILE A 374 -2.12 18.44 -30.61
N SER A 375 -1.21 18.97 -29.79
CA SER A 375 -1.55 19.90 -28.72
C SER A 375 -2.12 21.21 -29.25
N SER A 376 -1.60 21.71 -30.37
CA SER A 376 -2.15 22.94 -30.96
C SER A 376 -3.62 22.78 -31.34
N ILE A 377 -3.97 21.67 -31.99
CA ILE A 377 -5.35 21.41 -32.40
C ILE A 377 -6.25 21.31 -31.17
N ILE A 378 -5.83 20.55 -30.19
CA ILE A 378 -6.62 20.35 -28.96
C ILE A 378 -6.83 21.69 -28.25
N SER A 379 -5.76 22.48 -28.13
CA SER A 379 -5.83 23.81 -27.55
C SER A 379 -6.86 24.69 -28.26
N GLN A 380 -6.80 24.72 -29.59
CA GLN A 380 -7.73 25.54 -30.39
C GLN A 380 -9.20 25.14 -30.21
N VAL A 381 -9.45 23.83 -30.16
CA VAL A 381 -10.80 23.33 -29.94
C VAL A 381 -11.28 23.70 -28.54
N LEU A 382 -10.44 23.50 -27.51
CA LEU A 382 -10.80 23.90 -26.16
C LEU A 382 -11.09 25.40 -26.07
N GLU A 383 -10.27 26.21 -26.72
CA GLU A 383 -10.48 27.67 -26.73
C GLU A 383 -11.76 28.11 -27.44
N SER A 384 -12.23 27.29 -28.38
CA SER A 384 -13.50 27.54 -29.09
C SER A 384 -14.75 27.09 -28.33
N PHE A 385 -14.61 26.17 -27.37
CA PHE A 385 -15.77 25.68 -26.62
C PHE A 385 -16.25 26.73 -25.61
N ASN A 386 -17.56 26.79 -25.39
CA ASN A 386 -18.16 27.61 -24.34
C ASN A 386 -18.90 26.71 -23.38
N SER A 387 -18.76 26.95 -22.08
CA SER A 387 -19.47 26.18 -21.08
C SER A 387 -20.97 26.16 -21.37
N GLN A 388 -21.59 24.99 -21.22
CA GLN A 388 -23.03 24.84 -21.40
C GLN A 388 -23.65 24.46 -20.07
N LYS A 389 -24.89 24.91 -19.87
CA LYS A 389 -25.64 24.56 -18.69
C LYS A 389 -25.79 23.04 -18.66
N VAL A 390 -25.39 22.43 -17.55
CA VAL A 390 -25.36 20.97 -17.42
C VAL A 390 -26.78 20.49 -17.14
N SER A 391 -27.29 19.62 -18.00
CA SER A 391 -28.65 19.10 -17.85
CA SER A 391 -28.66 19.13 -17.83
C SER A 391 -28.80 18.32 -16.55
N GLU A 392 -29.88 18.59 -15.81
CA GLU A 392 -30.23 17.85 -14.60
C GLU A 392 -30.93 16.54 -14.98
N ASN A 393 -31.43 16.45 -16.22
CA ASN A 393 -32.07 15.26 -16.75
C ASN A 393 -31.02 14.31 -17.33
N SER A 394 -31.03 13.06 -16.87
CA SER A 394 -30.04 12.04 -17.26
C SER A 394 -29.98 11.81 -18.78
N GLU A 395 -31.14 11.68 -19.40
CA GLU A 395 -31.22 11.45 -20.86
C GLU A 395 -30.73 12.65 -21.66
N ASP A 396 -31.14 13.84 -21.26
CA ASP A 396 -30.67 15.07 -21.90
C ASP A 396 -29.17 15.26 -21.70
N LEU A 397 -28.66 14.86 -20.52
CA LEU A 397 -27.23 14.97 -20.23
C LEU A 397 -26.40 14.09 -21.17
N MET A 398 -26.82 12.84 -21.35
CA MET A 398 -26.14 11.96 -22.31
C MET A 398 -26.20 12.53 -23.72
N LYS A 399 -27.34 13.09 -24.12
CA LYS A 399 -27.43 13.73 -25.44
C LYS A 399 -26.50 14.95 -25.57
N GLN A 400 -26.36 15.73 -24.50
CA GLN A 400 -25.39 16.85 -24.48
C GLN A 400 -23.97 16.34 -24.68
N ILE A 401 -23.61 15.31 -23.93
CA ILE A 401 -22.27 14.72 -24.04
C ILE A 401 -21.99 14.25 -25.48
N LEU A 402 -22.94 13.53 -26.08
CA LEU A 402 -22.79 13.08 -27.48
C LEU A 402 -22.68 14.24 -28.46
N GLN A 403 -23.53 15.26 -28.28
CA GLN A 403 -23.52 16.46 -29.14
C GLN A 403 -22.17 17.17 -29.06
N ILE A 404 -21.67 17.35 -27.83
CA ILE A 404 -20.41 18.05 -27.61
C ILE A 404 -19.22 17.22 -28.13
N HIS A 405 -19.24 15.90 -27.91
CA HIS A 405 -18.24 15.00 -28.48
C HIS A 405 -18.15 15.14 -29.99
N SER A 406 -19.31 15.07 -30.65
CA SER A 406 -19.38 15.20 -32.09
C SER A 406 -18.94 16.58 -32.58
N TRP A 407 -19.40 17.63 -31.88
CA TRP A 407 -19.00 19.01 -32.17
C TRP A 407 -17.47 19.17 -32.13
N ALA A 408 -16.86 18.60 -31.09
CA ALA A 408 -15.42 18.75 -30.86
C ALA A 408 -14.59 18.00 -31.89
N LYS A 409 -15.01 16.78 -32.26
CA LYS A 409 -14.36 16.05 -33.36
C LYS A 409 -14.43 16.85 -34.67
N ASP A 410 -15.60 17.36 -34.98
CA ASP A 410 -15.80 18.13 -36.21
C ASP A 410 -14.96 19.40 -36.21
N LYS A 411 -14.89 20.08 -35.06
CA LYS A 411 -14.08 21.29 -34.92
C LYS A 411 -12.59 21.01 -35.12
N ALA A 412 -12.11 19.93 -34.51
CA ALA A 412 -10.71 19.51 -34.69
C ALA A 412 -10.40 19.21 -36.16
N THR A 413 -11.30 18.48 -36.80
CA THR A 413 -11.15 18.17 -38.23
C THR A 413 -11.17 19.44 -39.09
N ASP A 414 -12.05 20.37 -38.76
CA ASP A 414 -12.16 21.65 -39.50
C ASP A 414 -10.88 22.47 -39.38
N ILE A 415 -10.31 22.52 -38.18
CA ILE A 415 -9.02 23.21 -37.96
C ILE A 415 -7.94 22.60 -38.84
N TYR A 416 -7.85 21.27 -38.85
CA TYR A 416 -6.91 20.57 -39.72
C TYR A 416 -7.15 20.88 -41.20
N ASN A 417 -8.41 20.82 -41.63
CA ASN A 417 -8.77 21.06 -43.03
C ASN A 417 -8.38 22.45 -43.51
N LYS A 418 -8.62 23.47 -42.68
CA LYS A 418 -8.32 24.85 -43.05
C LYS A 418 -6.82 25.15 -43.07
N HIS A 419 -6.04 24.45 -42.25
CA HIS A 419 -4.59 24.50 -42.32
C HIS A 419 -4.03 23.71 -43.52
N ASN A 420 -4.64 22.56 -43.82
CA ASN A 420 -4.14 21.65 -44.85
C ASN A 420 -4.40 22.16 -46.28
N PRO B 11 -12.35 11.44 21.20
CA PRO B 11 -11.00 11.72 21.72
C PRO B 11 -10.23 10.44 22.08
N ILE B 12 -8.97 10.37 21.66
CA ILE B 12 -8.14 9.18 21.91
C ILE B 12 -7.34 9.39 23.20
N ASN B 13 -7.62 8.55 24.19
CA ASN B 13 -7.01 8.64 25.51
C ASN B 13 -5.75 7.78 25.54
N VAL B 14 -4.59 8.42 25.67
N VAL B 14 -4.58 8.40 25.64
CA VAL B 14 -3.28 7.79 25.53
CA VAL B 14 -3.30 7.71 25.51
C VAL B 14 -2.45 7.87 26.81
C VAL B 14 -2.40 7.87 26.74
N ALA B 15 -1.74 6.79 27.13
CA ALA B 15 -0.67 6.80 28.14
C ALA B 15 0.65 6.57 27.43
N ILE B 16 1.70 7.25 27.87
CA ILE B 16 3.03 7.06 27.29
C ILE B 16 3.97 6.57 28.36
N PHE B 17 4.50 5.36 28.15
CA PHE B 17 5.45 4.75 29.06
C PHE B 17 6.86 4.93 28.51
N GLY B 18 7.71 5.57 29.31
CA GLY B 18 9.02 6.03 28.86
C GLY B 18 8.89 7.31 28.06
N SER B 19 8.16 8.28 28.61
CA SER B 19 7.80 9.49 27.87
C SER B 19 8.97 10.42 27.52
N THR B 20 10.12 10.27 28.19
CA THR B 20 11.29 11.10 27.89
C THR B 20 12.33 10.45 26.97
N GLY B 21 12.14 9.18 26.61
CA GLY B 21 12.98 8.51 25.61
C GLY B 21 12.63 8.91 24.18
N SER B 22 13.27 8.26 23.22
CA SER B 22 13.10 8.61 21.81
C SER B 22 11.68 8.39 21.29
N ILE B 23 11.11 7.21 21.59
CA ILE B 23 9.74 6.91 21.16
C ILE B 23 8.76 7.85 21.86
N GLY B 24 8.91 8.02 23.17
CA GLY B 24 8.05 8.89 23.94
C GLY B 24 8.04 10.34 23.49
N THR B 25 9.23 10.89 23.21
N THR B 25 9.23 10.86 23.21
CA THR B 25 9.33 12.27 22.75
CA THR B 25 9.39 12.23 22.73
C THR B 25 8.76 12.44 21.35
C THR B 25 8.75 12.43 21.36
N ASN B 26 9.02 11.49 20.46
CA ASN B 26 8.41 11.50 19.11
C ASN B 26 6.89 11.38 19.20
N ALA B 27 6.40 10.55 20.11
CA ALA B 27 4.96 10.41 20.34
C ALA B 27 4.33 11.73 20.78
N LEU B 28 4.94 12.40 21.77
CA LEU B 28 4.43 13.69 22.23
C LEU B 28 4.55 14.78 21.17
N ASN B 29 5.61 14.75 20.37
CA ASN B 29 5.76 15.71 19.26
C ASN B 29 4.63 15.61 18.24
N ILE B 30 4.33 14.38 17.80
CA ILE B 30 3.26 14.21 16.81
C ILE B 30 1.87 14.42 17.42
N ILE B 31 1.68 14.05 18.69
CA ILE B 31 0.44 14.37 19.40
C ILE B 31 0.26 15.88 19.50
N ARG B 32 1.30 16.60 19.88
CA ARG B 32 1.25 18.07 19.96
C ARG B 32 0.82 18.68 18.62
N GLU B 33 1.52 18.29 17.56
CA GLU B 33 1.25 18.87 16.23
C GLU B 33 -0.14 18.51 15.69
N CYS B 34 -0.55 17.26 15.86
CA CYS B 34 -1.90 16.86 15.44
C CYS B 34 -3.00 17.59 16.23
N ASN B 35 -2.80 17.76 17.53
CA ASN B 35 -3.76 18.49 18.38
C ASN B 35 -3.91 19.97 18.01
N LYS B 36 -2.88 20.57 17.41
CA LYS B 36 -2.99 21.93 16.88
C LYS B 36 -3.97 22.02 15.70
N ILE B 37 -4.09 20.94 14.94
CA ILE B 37 -4.98 20.89 13.77
C ILE B 37 -6.42 20.61 14.22
N GLU B 38 -6.57 19.62 15.12
CA GLU B 38 -7.86 19.25 15.69
C GLU B 38 -7.59 18.55 17.01
N ASN B 39 -8.39 18.85 18.05
CA ASN B 39 -8.22 18.19 19.34
C ASN B 39 -8.60 16.72 19.24
N VAL B 40 -7.59 15.87 19.04
CA VAL B 40 -7.76 14.42 18.82
C VAL B 40 -7.34 13.62 20.06
N PHE B 41 -6.25 14.02 20.70
CA PHE B 41 -5.62 13.22 21.74
C PHE B 41 -5.70 13.85 23.12
N ASN B 42 -6.04 13.03 24.11
CA ASN B 42 -5.87 13.39 25.52
CA ASN B 42 -5.88 13.37 25.52
C ASN B 42 -4.71 12.56 26.06
N VAL B 43 -3.63 13.24 26.45
CA VAL B 43 -2.51 12.55 27.08
C VAL B 43 -2.91 12.38 28.54
N LYS B 44 -3.28 11.15 28.91
CA LYS B 44 -3.85 10.85 30.22
C LYS B 44 -2.81 10.49 31.26
N ALA B 45 -1.67 9.97 30.82
CA ALA B 45 -0.65 9.48 31.73
C ALA B 45 0.75 9.53 31.12
N LEU B 46 1.73 9.93 31.92
CA LEU B 46 3.14 9.88 31.56
C LEU B 46 3.91 9.12 32.62
N TYR B 47 4.82 8.26 32.17
CA TYR B 47 5.59 7.37 33.04
C TYR B 47 7.06 7.39 32.62
N VAL B 48 7.94 7.68 33.58
CA VAL B 48 9.39 7.68 33.36
C VAL B 48 10.06 6.94 34.50
N ASN B 49 11.32 6.56 34.30
CA ASN B 49 12.11 5.93 35.34
C ASN B 49 12.51 6.94 36.43
N LYS B 50 13.30 7.94 36.06
CA LYS B 50 13.85 8.92 37.02
C LYS B 50 14.04 10.37 36.54
N SER B 51 13.71 10.68 35.29
CA SER B 51 13.94 12.03 34.74
C SER B 51 12.85 12.99 35.21
N VAL B 52 12.95 13.37 36.48
CA VAL B 52 11.91 14.14 37.17
C VAL B 52 11.71 15.54 36.58
N ASN B 53 12.80 16.22 36.23
CA ASN B 53 12.73 17.56 35.67
C ASN B 53 12.09 17.53 34.27
N GLU B 54 12.52 16.56 33.47
CA GLU B 54 11.96 16.37 32.12
C GLU B 54 10.49 15.95 32.16
N LEU B 55 10.12 15.10 33.12
CA LEU B 55 8.70 14.75 33.32
C LEU B 55 7.87 15.96 33.75
N TYR B 56 8.43 16.79 34.63
CA TYR B 56 7.78 18.05 35.04
C TYR B 56 7.48 18.99 33.86
N GLU B 57 8.44 19.16 32.96
CA GLU B 57 8.24 20.00 31.75
C GLU B 57 7.12 19.45 30.87
N GLN B 58 7.12 18.14 30.67
CA GLN B 58 6.04 17.46 29.93
C GLN B 58 4.70 17.60 30.64
N ALA B 59 4.71 17.47 31.97
CA ALA B 59 3.50 17.66 32.77
C ALA B 59 2.92 19.07 32.62
N ARG B 60 3.78 20.08 32.64
CA ARG B 60 3.36 21.48 32.49
C ARG B 60 2.65 21.73 31.16
N GLU B 61 3.14 21.11 30.09
CA GLU B 61 2.55 21.27 28.77
C GLU B 61 1.28 20.43 28.58
N PHE B 62 1.35 19.14 28.89
CA PHE B 62 0.30 18.18 28.54
C PHE B 62 -0.76 17.96 29.64
N LEU B 63 -0.41 18.26 30.88
CA LEU B 63 -1.35 18.24 32.02
C LEU B 63 -2.09 16.89 32.15
N PRO B 64 -1.34 15.78 32.18
CA PRO B 64 -1.99 14.47 32.26
C PRO B 64 -2.64 14.22 33.61
N GLU B 65 -3.71 13.43 33.60
CA GLU B 65 -4.39 13.03 34.83
C GLU B 65 -3.46 12.23 35.76
N TYR B 66 -2.59 11.40 35.17
CA TYR B 66 -1.62 10.59 35.93
C TYR B 66 -0.17 10.96 35.61
N LEU B 67 0.65 11.03 36.64
CA LEU B 67 2.09 11.08 36.49
C LEU B 67 2.65 9.92 37.30
N CYS B 68 3.59 9.18 36.74
CA CYS B 68 4.24 8.09 37.45
C CYS B 68 5.73 8.14 37.23
N ILE B 69 6.48 7.97 38.32
CA ILE B 69 7.93 7.89 38.26
C ILE B 69 8.33 6.61 38.97
N HIS B 70 9.22 5.83 38.34
CA HIS B 70 9.55 4.50 38.84
C HIS B 70 10.42 4.56 40.11
N ASP B 71 11.39 5.47 40.10
CA ASP B 71 12.34 5.65 41.20
C ASP B 71 11.70 6.44 42.34
N LYS B 72 11.55 5.78 43.49
CA LYS B 72 10.99 6.39 44.72
C LYS B 72 11.77 7.61 45.21
N SER B 73 13.08 7.65 44.95
CA SER B 73 13.93 8.76 45.42
C SER B 73 13.64 10.15 44.79
N VAL B 74 12.89 10.19 43.68
CA VAL B 74 12.50 11.47 43.07
C VAL B 74 10.99 11.76 43.14
N TYR B 75 10.25 10.92 43.89
CA TYR B 75 8.80 11.02 44.00
C TYR B 75 8.38 12.32 44.68
N GLU B 76 8.99 12.61 45.83
CA GLU B 76 8.62 13.81 46.59
C GLU B 76 9.02 15.09 45.85
N GLU B 77 10.13 15.06 45.11
CA GLU B 77 10.53 16.20 44.27
C GLU B 77 9.50 16.49 43.18
N LEU B 78 8.99 15.44 42.53
CA LEU B 78 7.95 15.58 41.51
C LEU B 78 6.69 16.23 42.07
N LYS B 79 6.27 15.78 43.26
CA LYS B 79 5.10 16.36 43.93
C LYS B 79 5.27 17.86 44.18
N GLU B 80 6.47 18.27 44.62
CA GLU B 80 6.75 19.69 44.89
C GLU B 80 6.88 20.52 43.62
N LEU B 81 7.47 19.96 42.57
CA LEU B 81 7.56 20.64 41.27
C LEU B 81 6.19 20.87 40.65
N VAL B 82 5.31 19.86 40.74
CA VAL B 82 3.97 19.92 40.13
C VAL B 82 3.07 21.00 40.75
N LYS B 83 3.29 21.35 42.02
CA LYS B 83 2.56 22.44 42.69
C LYS B 83 2.62 23.78 41.94
N ASN B 84 3.72 24.03 41.21
CA ASN B 84 3.90 25.24 40.39
C ASN B 84 2.90 25.41 39.24
N ILE B 85 2.37 24.29 38.72
CA ILE B 85 1.52 24.32 37.53
C ILE B 85 0.12 24.81 37.91
N LYS B 86 -0.40 25.74 37.12
CA LYS B 86 -1.69 26.38 37.39
C LYS B 86 -2.84 25.44 37.03
N ASP B 87 -3.88 25.43 37.87
CA ASP B 87 -5.14 24.71 37.62
C ASP B 87 -4.88 23.22 37.31
N TYR B 88 -4.10 22.56 38.17
CA TYR B 88 -3.61 21.21 37.90
C TYR B 88 -3.41 20.39 39.18
N LYS B 89 -4.19 19.32 39.33
CA LYS B 89 -4.09 18.40 40.47
C LYS B 89 -4.07 16.95 39.99
N PRO B 90 -2.91 16.50 39.48
CA PRO B 90 -2.81 15.13 38.96
C PRO B 90 -2.69 14.09 40.05
N ILE B 91 -2.96 12.84 39.67
CA ILE B 91 -2.71 11.70 40.53
C ILE B 91 -1.25 11.33 40.30
N ILE B 92 -0.43 11.50 41.34
CA ILE B 92 1.01 11.31 41.23
C ILE B 92 1.37 9.98 41.88
N LEU B 93 1.88 9.06 41.08
CA LEU B 93 2.09 7.67 41.48
C LEU B 93 3.55 7.28 41.33
N CYS B 94 3.90 6.11 41.84
CA CYS B 94 5.27 5.63 41.92
C CYS B 94 5.41 4.13 41.67
N GLY B 95 6.53 3.75 41.04
CA GLY B 95 6.93 2.35 40.89
C GLY B 95 6.04 1.47 40.02
N ASP B 96 6.24 0.16 40.16
CA ASP B 96 5.41 -0.85 39.46
C ASP B 96 3.92 -0.71 39.79
N GLU B 97 3.60 -0.36 41.04
CA GLU B 97 2.21 -0.18 41.46
C GLU B 97 1.52 0.96 40.72
N GLY B 98 2.25 2.05 40.48
CA GLY B 98 1.73 3.17 39.70
C GLY B 98 1.48 2.78 38.25
N MET B 99 2.41 2.03 37.68
CA MET B 99 2.28 1.52 36.31
C MET B 99 1.03 0.65 36.16
N LYS B 100 0.81 -0.24 37.14
CA LYS B 100 -0.37 -1.11 37.15
C LYS B 100 -1.67 -0.32 37.28
N GLU B 101 -1.67 0.71 38.13
CA GLU B 101 -2.83 1.58 38.27
C GLU B 101 -3.17 2.30 36.97
N ILE B 102 -2.15 2.83 36.29
CA ILE B 102 -2.35 3.49 35.00
C ILE B 102 -2.95 2.50 33.99
N CYS B 103 -2.36 1.31 33.88
CA CYS B 103 -2.86 0.27 32.97
C CYS B 103 -4.31 -0.16 33.23
N SER B 104 -4.74 -0.12 34.48
CA SER B 104 -6.11 -0.49 34.85
C SER B 104 -7.15 0.63 34.74
N SER B 105 -6.73 1.86 34.47
CA SER B 105 -7.67 2.99 34.41
C SER B 105 -8.65 2.88 33.24
N ASN B 106 -9.94 3.04 33.52
CA ASN B 106 -10.98 3.06 32.49
C ASN B 106 -10.92 4.29 31.58
N SER B 107 -10.16 5.31 31.97
CA SER B 107 -10.01 6.53 31.17
C SER B 107 -8.83 6.46 30.18
N ILE B 108 -8.16 5.30 30.07
CA ILE B 108 -7.03 5.12 29.16
C ILE B 108 -7.32 4.01 28.17
N ASP B 109 -7.22 4.33 26.89
CA ASP B 109 -7.53 3.40 25.82
C ASP B 109 -6.28 2.78 25.18
N LYS B 110 -5.23 3.59 25.01
CA LYS B 110 -4.06 3.18 24.23
C LYS B 110 -2.79 3.49 25.02
N ILE B 111 -1.85 2.57 25.00
CA ILE B 111 -0.61 2.69 25.77
C ILE B 111 0.59 2.53 24.85
N VAL B 112 1.43 3.57 24.78
CA VAL B 112 2.67 3.54 24.01
C VAL B 112 3.75 2.98 24.92
N ILE B 113 4.35 1.86 24.52
CA ILE B 113 5.44 1.25 25.28
C ILE B 113 6.76 1.66 24.63
N GLY B 114 7.39 2.67 25.22
CA GLY B 114 8.70 3.16 24.78
C GLY B 114 9.75 2.97 25.86
N ILE B 115 9.71 1.81 26.50
CA ILE B 115 10.71 1.41 27.50
C ILE B 115 11.34 0.12 26.99
N ASP B 116 12.66 0.00 27.08
CA ASP B 116 13.38 -1.21 26.69
C ASP B 116 13.46 -2.21 27.86
N SER B 117 14.13 -3.34 27.64
CA SER B 117 14.47 -4.29 28.69
C SER B 117 13.22 -4.85 29.42
N PHE B 118 13.40 -5.31 30.66
CA PHE B 118 12.32 -6.00 31.38
C PHE B 118 11.10 -5.12 31.64
N GLN B 119 11.32 -3.89 32.10
CA GLN B 119 10.19 -2.99 32.42
C GLN B 119 9.26 -2.72 31.23
N GLY B 120 9.83 -2.77 30.02
CA GLY B 120 9.03 -2.75 28.81
C GLY B 120 8.12 -3.96 28.70
N LEU B 121 8.70 -5.15 28.88
CA LEU B 121 7.91 -6.38 28.82
C LEU B 121 6.88 -6.42 29.94
N TYR B 122 7.28 -6.01 31.14
CA TYR B 122 6.40 -6.02 32.30
C TYR B 122 5.19 -5.09 32.12
N SER B 123 5.44 -3.87 31.64
N SER B 123 5.47 -3.88 31.64
CA SER B 123 4.37 -2.92 31.37
CA SER B 123 4.41 -2.91 31.36
C SER B 123 3.49 -3.35 30.20
C SER B 123 3.50 -3.35 30.20
N THR B 124 4.08 -4.00 29.20
CA THR B 124 3.30 -4.60 28.08
C THR B 124 2.35 -5.67 28.61
N MET B 125 2.86 -6.52 29.50
CA MET B 125 2.05 -7.57 30.13
C MET B 125 0.82 -6.99 30.83
N TYR B 126 1.03 -5.98 31.68
CA TYR B 126 -0.10 -5.36 32.37
C TYR B 126 -1.07 -4.60 31.45
N ALA B 127 -0.56 -3.99 30.38
CA ALA B 127 -1.41 -3.32 29.39
C ALA B 127 -2.34 -4.34 28.71
N ILE B 128 -1.77 -5.50 28.35
CA ILE B 128 -2.54 -6.59 27.73
C ILE B 128 -3.56 -7.15 28.72
N MET B 129 -3.15 -7.35 29.97
CA MET B 129 -4.05 -7.88 31.00
C MET B 129 -5.28 -7.00 31.23
N ASN B 130 -5.15 -5.70 30.95
CA ASN B 130 -6.26 -4.76 31.06
C ASN B 130 -6.93 -4.46 29.72
N ASN B 131 -6.70 -5.32 28.73
CA ASN B 131 -7.39 -5.27 27.45
C ASN B 131 -7.22 -3.94 26.71
N LYS B 132 -6.03 -3.38 26.81
CA LYS B 132 -5.73 -2.10 26.14
C LYS B 132 -5.16 -2.33 24.76
N ILE B 133 -5.17 -1.27 23.96
CA ILE B 133 -4.42 -1.24 22.71
C ILE B 133 -2.99 -0.86 23.11
N VAL B 134 -2.02 -1.66 22.70
CA VAL B 134 -0.63 -1.50 23.12
C VAL B 134 0.21 -1.21 21.89
N ALA B 135 0.72 0.01 21.81
CA ALA B 135 1.61 0.43 20.72
C ALA B 135 3.03 0.08 21.12
N LEU B 136 3.55 -1.00 20.55
CA LEU B 136 4.78 -1.61 21.05
C LEU B 136 5.96 -1.34 20.13
N ALA B 137 6.97 -0.66 20.66
CA ALA B 137 8.21 -0.36 19.94
C ALA B 137 9.38 -1.31 20.27
N ASN B 138 9.27 -2.01 21.40
CA ASN B 138 10.35 -2.85 21.94
C ASN B 138 10.39 -4.21 21.23
N LYS B 139 11.21 -4.31 20.19
CA LYS B 139 11.30 -5.55 19.41
C LYS B 139 11.90 -6.72 20.18
N GLU B 140 12.83 -6.42 21.08
CA GLU B 140 13.47 -7.48 21.87
C GLU B 140 12.45 -8.27 22.70
N SER B 141 11.42 -7.60 23.19
CA SER B 141 10.35 -8.27 23.95
C SER B 141 9.53 -9.24 23.09
N ILE B 142 9.28 -8.86 21.84
CA ILE B 142 8.55 -9.72 20.90
C ILE B 142 9.41 -10.92 20.51
N VAL B 143 10.69 -10.68 20.22
CA VAL B 143 11.62 -11.74 19.86
C VAL B 143 11.83 -12.72 21.01
N SER B 144 12.08 -12.18 22.20
CA SER B 144 12.41 -12.99 23.37
C SER B 144 11.20 -13.70 23.98
N ALA B 145 10.05 -13.03 23.98
CA ALA B 145 8.88 -13.53 24.71
C ALA B 145 7.61 -13.61 23.84
N GLY B 146 7.81 -13.76 22.53
CA GLY B 146 6.70 -13.89 21.58
C GLY B 146 5.66 -14.93 21.96
N PHE B 147 6.09 -16.12 22.35
CA PHE B 147 5.18 -17.18 22.84
C PHE B 147 4.30 -16.70 23.99
N PHE B 148 4.92 -16.02 24.94
CA PHE B 148 4.23 -15.50 26.12
C PHE B 148 3.22 -14.43 25.73
N LEU B 149 3.63 -13.50 24.87
CA LEU B 149 2.72 -12.47 24.39
C LEU B 149 1.51 -13.06 23.65
N LYS B 150 1.75 -14.05 22.81
CA LYS B 150 0.69 -14.76 22.10
C LYS B 150 -0.29 -15.42 23.06
N LYS B 151 0.23 -16.12 24.06
CA LYS B 151 -0.61 -16.79 25.06
C LYS B 151 -1.45 -15.76 25.82
N LEU B 152 -0.83 -14.65 26.20
CA LEU B 152 -1.48 -13.60 26.95
C LEU B 152 -2.59 -12.93 26.14
N LEU B 153 -2.32 -12.63 24.87
CA LEU B 153 -3.32 -12.06 23.97
C LEU B 153 -4.49 -12.99 23.70
N ASN B 154 -4.23 -14.30 23.72
CA ASN B 154 -5.31 -15.27 23.60
C ASN B 154 -6.23 -15.31 24.85
N ILE B 155 -5.70 -14.99 26.02
CA ILE B 155 -6.51 -14.89 27.24
C ILE B 155 -7.28 -13.57 27.25
N HIS B 156 -6.57 -12.47 27.00
CA HIS B 156 -7.14 -11.13 27.10
C HIS B 156 -7.54 -10.67 25.71
N LYS B 157 -8.73 -11.10 25.30
CA LYS B 157 -9.11 -11.10 23.88
C LYS B 157 -9.38 -9.73 23.28
N ASN B 158 -9.65 -8.73 24.10
CA ASN B 158 -9.80 -7.35 23.64
C ASN B 158 -8.51 -6.52 23.61
N ALA B 159 -7.40 -7.07 24.10
CA ALA B 159 -6.11 -6.41 23.98
C ALA B 159 -5.63 -6.55 22.55
N LYS B 160 -4.85 -5.59 22.08
CA LYS B 160 -4.25 -5.65 20.74
C LYS B 160 -2.85 -5.03 20.79
N ILE B 161 -1.87 -5.71 20.20
CA ILE B 161 -0.56 -5.13 19.96
C ILE B 161 -0.58 -4.50 18.57
N ILE B 162 -0.24 -3.22 18.49
CA ILE B 162 -0.11 -2.53 17.21
C ILE B 162 1.39 -2.21 17.06
N PRO B 163 2.02 -2.63 15.95
CA PRO B 163 3.46 -2.45 15.85
C PRO B 163 3.87 -1.02 15.57
N VAL B 164 4.92 -0.57 16.27
CA VAL B 164 5.53 0.73 16.09
C VAL B 164 6.89 0.63 15.39
N ASP B 165 7.60 -0.49 15.53
CA ASP B 165 8.88 -0.68 14.81
C ASP B 165 8.61 -0.37 13.32
N SER B 166 9.42 0.49 12.72
CA SER B 166 9.03 1.14 11.45
C SER B 166 8.65 0.18 10.32
N GLU B 167 9.36 -0.94 10.21
CA GLU B 167 9.16 -1.90 9.13
C GLU B 167 7.85 -2.63 9.35
N HIS B 168 7.55 -2.88 10.62
CA HIS B 168 6.37 -3.66 10.99
C HIS B 168 5.12 -2.80 10.95
N SER B 169 5.28 -1.53 11.29
CA SER B 169 4.25 -0.53 11.00
C SER B 169 4.00 -0.44 9.50
N ALA B 170 5.06 -0.39 8.72
CA ALA B 170 4.92 -0.34 7.27
C ALA B 170 4.09 -1.53 6.78
N ILE B 171 4.47 -2.73 7.20
CA ILE B 171 3.74 -3.95 6.85
C ILE B 171 2.29 -3.83 7.25
N PHE B 172 2.06 -3.43 8.49
CA PHE B 172 0.69 -3.28 9.01
C PHE B 172 -0.13 -2.28 8.18
N GLN B 173 0.51 -1.19 7.78
CA GLN B 173 -0.14 -0.16 6.96
C GLN B 173 -0.44 -0.61 5.52
N CYS B 174 0.27 -1.64 5.04
CA CYS B 174 0.01 -2.23 3.72
C CYS B 174 -1.18 -3.18 3.69
N LEU B 175 -1.76 -3.47 4.85
CA LEU B 175 -2.84 -4.44 4.96
C LEU B 175 -4.19 -3.76 4.92
N ASP B 176 -5.16 -4.48 4.39
CA ASP B 176 -6.53 -4.05 4.29
C ASP B 176 -7.17 -4.21 5.65
N ASN B 177 -7.62 -3.11 6.27
CA ASN B 177 -8.23 -3.22 7.61
C ASN B 177 -9.55 -3.99 7.64
N ASN B 178 -10.22 -4.12 6.50
CA ASN B 178 -11.39 -5.00 6.41
C ASN B 178 -11.02 -6.46 6.75
N LYS B 179 -9.76 -6.84 6.45
CA LYS B 179 -9.21 -8.13 6.87
C LYS B 179 -8.54 -8.06 8.25
N VAL B 180 -7.73 -7.03 8.51
CA VAL B 180 -7.03 -6.91 9.81
C VAL B 180 -8.01 -6.99 10.98
N LEU B 181 -9.16 -6.33 10.84
CA LEU B 181 -10.16 -6.27 11.91
C LEU B 181 -10.80 -7.63 12.25
N LYS B 182 -10.64 -8.62 11.38
CA LYS B 182 -11.10 -9.99 11.64
C LYS B 182 -10.03 -10.87 12.30
N THR B 183 -8.88 -10.28 12.62
CA THR B 183 -7.82 -10.99 13.32
C THR B 183 -7.09 -9.96 14.21
N LYS B 184 -5.83 -10.23 14.56
CA LYS B 184 -5.00 -9.23 15.25
C LYS B 184 -3.57 -9.73 15.24
N CYS B 185 -2.63 -8.83 15.51
CA CYS B 185 -1.22 -9.21 15.53
C CYS B 185 -0.97 -10.27 16.60
N LEU B 186 0.00 -11.13 16.34
CA LEU B 186 0.41 -12.22 17.23
C LEU B 186 -0.65 -13.34 17.35
N GLN B 187 -1.61 -13.37 16.43
CA GLN B 187 -2.64 -14.41 16.43
C GLN B 187 -2.36 -15.37 15.30
N ASP B 188 -2.50 -16.66 15.58
CA ASP B 188 -2.37 -17.67 14.56
C ASP B 188 -3.33 -17.38 13.41
N ASN B 189 -2.83 -17.62 12.19
CA ASN B 189 -3.55 -17.40 10.93
C ASN B 189 -3.70 -15.96 10.49
N PHE B 190 -2.95 -15.05 11.10
CA PHE B 190 -2.98 -13.64 10.70
C PHE B 190 -2.66 -13.48 9.22
N SER B 191 -1.60 -14.16 8.77
N SER B 191 -1.60 -14.15 8.76
CA SER B 191 -1.15 -14.05 7.37
CA SER B 191 -1.18 -14.05 7.37
C SER B 191 -2.19 -14.62 6.40
C SER B 191 -2.22 -14.60 6.41
N LYS B 192 -2.80 -15.75 6.76
CA LYS B 192 -3.83 -16.39 5.94
C LYS B 192 -5.07 -15.50 5.79
N ILE B 193 -5.54 -14.94 6.91
CA ILE B 193 -6.71 -14.06 6.88
C ILE B 193 -6.44 -12.78 6.07
N ASN B 194 -5.19 -12.30 6.10
CA ASN B 194 -4.82 -11.10 5.34
C ASN B 194 -4.28 -11.40 3.93
N ASN B 195 -4.33 -12.65 3.49
CA ASN B 195 -3.85 -13.05 2.16
C ASN B 195 -2.38 -12.71 1.91
N ILE B 196 -1.56 -12.74 2.97
CA ILE B 196 -0.13 -12.44 2.85
C ILE B 196 0.62 -13.65 2.30
N ASN B 197 1.41 -13.43 1.26
CA ASN B 197 2.25 -14.49 0.70
C ASN B 197 3.69 -14.39 1.17
N LYS B 198 4.20 -13.17 1.23
CA LYS B 198 5.63 -12.92 1.44
C LYS B 198 5.86 -11.48 1.89
N ILE B 199 6.94 -11.28 2.62
CA ILE B 199 7.31 -9.97 3.15
C ILE B 199 8.69 -9.57 2.63
N PHE B 200 8.79 -8.35 2.10
CA PHE B 200 10.07 -7.67 1.89
C PHE B 200 10.35 -6.79 3.09
N LEU B 201 11.35 -7.17 3.88
CA LEU B 201 11.73 -6.43 5.08
C LEU B 201 12.92 -5.52 4.73
N CYS B 202 12.66 -4.22 4.64
CA CYS B 202 13.68 -3.26 4.21
C CYS B 202 14.67 -2.94 5.33
N SER B 203 15.93 -2.74 4.94
CA SER B 203 17.02 -2.38 5.85
C SER B 203 17.79 -1.23 5.24
N SER B 204 18.23 -0.29 6.07
CA SER B 204 19.19 0.75 5.62
C SER B 204 20.51 0.15 5.14
N GLY B 205 20.84 -1.05 5.64
CA GLY B 205 22.13 -1.68 5.39
C GLY B 205 23.18 -1.31 6.44
N GLY B 206 22.97 -0.21 7.17
CA GLY B 206 23.89 0.22 8.21
C GLY B 206 25.18 0.82 7.66
N PRO B 207 26.05 1.30 8.55
CA PRO B 207 27.28 2.01 8.14
C PRO B 207 28.35 1.14 7.49
N PHE B 208 28.30 -0.19 7.69
CA PHE B 208 29.32 -1.08 7.15
C PHE B 208 28.90 -1.79 5.87
N GLN B 209 27.82 -1.33 5.24
CA GLN B 209 27.25 -2.06 4.11
C GLN B 209 28.19 -2.23 2.91
N ASN B 210 29.10 -1.29 2.70
CA ASN B 210 30.02 -1.35 1.55
C ASN B 210 31.44 -1.81 1.90
N LEU B 211 31.67 -2.20 3.16
CA LEU B 211 33.00 -2.66 3.59
C LEU B 211 33.34 -4.04 3.04
N THR B 212 34.62 -4.25 2.76
CA THR B 212 35.13 -5.57 2.39
C THR B 212 35.27 -6.42 3.66
N MET B 213 35.46 -7.72 3.48
CA MET B 213 35.68 -8.61 4.62
C MET B 213 36.92 -8.20 5.42
N ASP B 214 37.98 -7.80 4.75
CA ASP B 214 39.19 -7.32 5.43
C ASP B 214 38.92 -6.05 6.22
N GLU B 215 38.15 -5.12 5.65
CA GLU B 215 37.77 -3.91 6.37
C GLU B 215 36.88 -4.21 7.59
N LEU B 216 35.97 -5.18 7.49
CA LEU B 216 35.11 -5.55 8.62
C LEU B 216 35.87 -6.11 9.82
N LYS B 217 36.98 -6.82 9.54
CA LYS B 217 37.73 -7.51 10.61
C LYS B 217 38.11 -6.62 11.79
N ASN B 218 38.54 -5.39 11.54
CA ASN B 218 38.93 -4.47 12.64
C ASN B 218 38.08 -3.18 12.71
N VAL B 219 36.90 -3.16 12.08
CA VAL B 219 35.97 -2.05 12.26
C VAL B 219 35.57 -1.93 13.74
N THR B 220 35.43 -0.71 14.24
CA THR B 220 35.13 -0.46 15.66
C THR B 220 33.77 0.17 15.87
N SER B 221 33.34 0.19 17.13
CA SER B 221 32.06 0.80 17.50
C SER B 221 32.04 2.30 17.19
N GLU B 222 33.18 2.97 17.35
CA GLU B 222 33.31 4.38 16.98
C GLU B 222 32.93 4.61 15.51
N ASN B 223 33.35 3.71 14.63
CA ASN B 223 33.02 3.79 13.19
C ASN B 223 31.51 3.68 12.96
N ALA B 224 30.83 2.82 13.71
CA ALA B 224 29.38 2.70 13.64
C ALA B 224 28.69 3.95 14.18
N LEU B 225 29.13 4.39 15.36
CA LEU B 225 28.51 5.52 16.07
C LEU B 225 28.79 6.88 15.44
N LYS B 226 30.00 7.11 14.94
CA LYS B 226 30.37 8.41 14.34
C LYS B 226 29.83 8.63 12.92
N HIS B 227 29.24 7.59 12.32
CA HIS B 227 28.44 7.73 11.10
C HIS B 227 26.95 7.45 11.42
N PRO B 228 26.22 8.47 11.91
CA PRO B 228 24.77 8.38 12.02
C PRO B 228 24.06 9.16 10.89
N LYS B 229 23.53 8.42 9.92
CA LYS B 229 22.63 8.99 8.91
C LYS B 229 21.25 9.20 9.53
N TRP B 230 20.81 8.24 10.34
CA TRP B 230 19.70 8.40 11.27
C TRP B 230 20.24 8.40 12.70
N LYS B 231 19.83 9.39 13.50
CA LYS B 231 20.25 9.51 14.91
C LYS B 231 19.41 8.57 15.77
N MET B 232 20.08 7.60 16.42
CA MET B 232 19.39 6.64 17.28
C MET B 232 20.35 6.10 18.36
N GLY B 233 19.79 5.36 19.32
CA GLY B 233 20.52 4.84 20.48
C GLY B 233 21.70 3.93 20.14
N LYS B 234 22.60 3.77 21.10
CA LYS B 234 23.86 3.03 20.85
C LYS B 234 23.61 1.56 20.51
N LYS B 235 22.76 0.92 21.29
CA LYS B 235 22.47 -0.51 21.10
C LYS B 235 21.90 -0.81 19.72
N ILE B 236 20.85 -0.11 19.32
CA ILE B 236 20.28 -0.30 17.98
C ILE B 236 21.26 0.12 16.87
N THR B 237 22.11 1.12 17.13
CA THR B 237 23.11 1.51 16.14
C THR B 237 24.09 0.36 15.87
N ILE B 238 24.54 -0.31 16.92
CA ILE B 238 25.41 -1.47 16.75
C ILE B 238 24.67 -2.61 16.04
N ASP B 239 23.42 -2.86 16.42
CA ASP B 239 22.61 -3.88 15.72
C ASP B 239 22.39 -3.55 14.23
N SER B 240 22.26 -2.27 13.91
CA SER B 240 22.17 -1.86 12.51
C SER B 240 23.50 -2.12 11.79
N ALA B 241 24.61 -1.89 12.48
CA ALA B 241 25.93 -2.13 11.90
C ALA B 241 26.18 -3.60 11.58
N THR B 242 25.74 -4.51 12.46
CA THR B 242 25.90 -5.94 12.24
C THR B 242 24.76 -6.57 11.43
N MET B 243 23.72 -5.78 11.17
CA MET B 243 22.43 -6.25 10.63
C MET B 243 21.69 -7.24 11.54
N MET B 244 22.14 -7.42 12.78
CA MET B 244 21.34 -8.16 13.74
C MET B 244 20.02 -7.43 14.02
N ASN B 245 19.97 -6.12 13.84
CA ASN B 245 18.69 -5.43 13.95
C ASN B 245 17.69 -6.07 13.00
N LYS B 246 18.09 -6.29 11.75
CA LYS B 246 17.18 -6.93 10.80
C LYS B 246 16.91 -8.40 11.15
N GLY B 247 17.93 -9.09 11.68
CA GLY B 247 17.75 -10.45 12.16
C GLY B 247 16.65 -10.53 13.22
N LEU B 248 16.73 -9.65 14.22
CA LEU B 248 15.67 -9.56 15.23
C LEU B 248 14.32 -9.21 14.62
N GLU B 249 14.34 -8.30 13.65
CA GLU B 249 13.12 -7.90 12.97
C GLU B 249 12.47 -8.98 12.10
N VAL B 250 13.26 -9.93 11.62
CA VAL B 250 12.75 -11.11 10.92
C VAL B 250 11.88 -11.92 11.88
N ILE B 251 12.43 -12.20 13.06
CA ILE B 251 11.67 -12.94 14.07
C ILE B 251 10.45 -12.13 14.54
N GLU B 252 10.62 -10.82 14.69
CA GLU B 252 9.50 -9.94 15.03
C GLU B 252 8.36 -10.04 14.01
N THR B 253 8.72 -10.03 12.74
CA THR B 253 7.77 -10.23 11.63
C THR B 253 7.06 -11.57 11.73
N HIS B 254 7.81 -12.64 11.97
CA HIS B 254 7.22 -13.96 12.09
C HIS B 254 6.16 -13.99 13.19
N PHE B 255 6.51 -13.46 14.36
CA PHE B 255 5.58 -13.49 15.49
C PHE B 255 4.38 -12.56 15.29
N LEU B 256 4.62 -11.33 14.88
CA LEU B 256 3.53 -10.36 14.71
C LEU B 256 2.51 -10.79 13.68
N PHE B 257 2.98 -11.34 12.56
CA PHE B 257 2.13 -11.54 11.41
C PHE B 257 1.93 -13.00 11.01
N ASP B 258 2.53 -13.93 11.76
CA ASP B 258 2.45 -15.38 11.46
C ASP B 258 2.89 -15.67 10.02
N VAL B 259 4.03 -15.09 9.65
CA VAL B 259 4.62 -15.30 8.33
C VAL B 259 5.76 -16.28 8.51
N ASP B 260 5.79 -17.31 7.67
CA ASP B 260 6.86 -18.32 7.71
C ASP B 260 8.20 -17.67 7.39
N TYR B 261 9.26 -18.17 8.01
CA TYR B 261 10.61 -17.64 7.79
C TYR B 261 11.06 -17.70 6.33
N ASN B 262 10.68 -18.77 5.63
CA ASN B 262 10.97 -18.90 4.19
C ASN B 262 10.30 -17.81 3.33
N ASP B 263 9.30 -17.12 3.90
CA ASP B 263 8.56 -16.06 3.20
C ASP B 263 8.90 -14.65 3.70
N ILE B 264 10.05 -14.50 4.37
CA ILE B 264 10.53 -13.19 4.77
C ILE B 264 11.88 -12.97 4.12
N GLU B 265 11.98 -11.93 3.31
CA GLU B 265 13.20 -11.59 2.58
C GLU B 265 13.74 -10.26 3.09
N VAL B 266 14.97 -10.26 3.58
CA VAL B 266 15.62 -9.01 3.97
C VAL B 266 16.18 -8.36 2.71
N ILE B 267 15.89 -7.09 2.51
CA ILE B 267 16.36 -6.37 1.32
C ILE B 267 16.97 -5.04 1.75
N VAL B 268 18.15 -4.72 1.21
CA VAL B 268 18.85 -3.50 1.60
C VAL B 268 18.36 -2.37 0.69
N HIS B 269 17.77 -1.35 1.33
CA HIS B 269 17.21 -0.19 0.67
C HIS B 269 17.80 1.05 1.33
N LYS B 270 18.94 1.48 0.80
CA LYS B 270 19.78 2.46 1.52
C LYS B 270 19.12 3.83 1.70
N GLU B 271 18.20 4.18 0.79
CA GLU B 271 17.50 5.47 0.88
C GLU B 271 16.49 5.56 2.02
N CYS B 272 16.01 4.43 2.54
CA CYS B 272 15.07 4.40 3.67
C CYS B 272 13.81 5.22 3.42
N ILE B 273 13.26 5.09 2.22
CA ILE B 273 12.00 5.70 1.84
C ILE B 273 10.87 4.66 1.87
N ILE B 274 11.01 3.58 1.09
CA ILE B 274 10.13 2.40 1.23
C ILE B 274 10.50 1.67 2.53
N HIS B 275 9.54 1.53 3.43
CA HIS B 275 9.85 1.03 4.77
C HIS B 275 9.63 -0.46 4.98
N SER B 276 8.88 -1.06 4.06
CA SER B 276 8.80 -2.52 3.84
C SER B 276 7.64 -2.76 2.88
N CYS B 277 7.50 -3.99 2.39
CA CYS B 277 6.47 -4.32 1.38
C CYS B 277 5.85 -5.67 1.68
N VAL B 278 4.58 -5.80 1.30
CA VAL B 278 3.82 -7.04 1.44
C VAL B 278 3.41 -7.55 0.07
N GLU B 279 3.82 -8.77 -0.26
CA GLU B 279 3.33 -9.50 -1.42
C GLU B 279 2.13 -10.33 -1.00
N PHE B 280 1.01 -10.10 -1.67
CA PHE B 280 -0.20 -10.88 -1.42
C PHE B 280 -0.22 -12.13 -2.29
N ILE B 281 -1.16 -13.03 -1.99
CA ILE B 281 -1.23 -14.33 -2.66
C ILE B 281 -1.44 -14.27 -4.18
N ASP B 282 -1.96 -13.14 -4.69
CA ASP B 282 -2.06 -12.91 -6.13
C ASP B 282 -0.78 -12.40 -6.78
N LYS B 283 0.23 -12.10 -5.95
CA LYS B 283 1.53 -11.53 -6.29
C LYS B 283 1.53 -10.00 -6.43
N SER B 284 0.40 -9.35 -6.20
CA SER B 284 0.41 -7.90 -6.09
C SER B 284 1.19 -7.52 -4.84
N VAL B 285 2.01 -6.48 -4.95
CA VAL B 285 2.81 -6.02 -3.83
C VAL B 285 2.35 -4.63 -3.42
N ILE B 286 2.18 -4.42 -2.11
CA ILE B 286 1.85 -3.10 -1.57
C ILE B 286 3.02 -2.68 -0.67
N SER B 287 3.39 -1.40 -0.72
CA SER B 287 4.47 -0.88 0.13
C SER B 287 4.04 0.42 0.81
N GLN B 288 4.70 0.73 1.92
CA GLN B 288 4.50 1.99 2.62
C GLN B 288 5.80 2.78 2.53
N MET B 289 5.64 4.08 2.31
CA MET B 289 6.73 4.99 2.02
C MET B 289 6.57 6.29 2.77
N TYR B 290 7.68 6.82 3.27
CA TYR B 290 7.76 8.20 3.75
C TYR B 290 9.24 8.49 4.01
N TYR B 291 9.58 9.76 4.25
CA TYR B 291 10.90 10.07 4.84
C TYR B 291 11.13 9.25 6.12
N PRO B 292 12.40 8.97 6.45
CA PRO B 292 12.66 8.32 7.73
C PRO B 292 12.28 9.26 8.87
N ASP B 293 11.14 8.99 9.48
CA ASP B 293 10.58 9.81 10.55
C ASP B 293 9.68 8.92 11.39
N MET B 294 10.09 8.65 12.63
CA MET B 294 9.33 7.75 13.50
C MET B 294 7.94 8.29 13.89
N GLN B 295 7.65 9.56 13.60
CA GLN B 295 6.32 10.10 13.91
C GLN B 295 5.19 9.38 13.18
N ILE B 296 5.42 8.93 11.95
CA ILE B 296 4.38 8.23 11.18
C ILE B 296 3.98 6.86 11.77
N PRO B 297 4.98 5.97 12.03
CA PRO B 297 4.63 4.71 12.71
C PRO B 297 3.98 4.88 14.08
N ILE B 298 4.48 5.82 14.87
CA ILE B 298 3.88 6.07 16.18
C ILE B 298 2.45 6.58 16.02
N LEU B 299 2.25 7.58 15.15
CA LEU B 299 0.92 8.12 14.94
C LEU B 299 -0.06 7.05 14.46
N TYR B 300 0.34 6.23 13.50
CA TYR B 300 -0.55 5.17 13.00
C TYR B 300 -0.96 4.22 14.12
N SER B 301 -0.03 3.89 15.02
CA SER B 301 -0.37 2.98 16.12
C SER B 301 -1.48 3.55 17.01
N LEU B 302 -1.53 4.88 17.12
CA LEU B 302 -2.54 5.57 17.93
C LEU B 302 -3.83 5.93 17.18
N THR B 303 -3.79 6.01 15.84
CA THR B 303 -4.99 6.32 15.06
C THR B 303 -5.67 5.10 14.44
N TRP B 304 -4.91 4.03 14.20
CA TRP B 304 -5.43 2.79 13.63
C TRP B 304 -6.77 2.43 14.26
N PRO B 305 -7.78 2.05 13.45
CA PRO B 305 -7.80 1.85 12.00
C PRO B 305 -8.04 3.10 11.15
N ASP B 306 -8.03 4.28 11.76
CA ASP B 306 -8.19 5.54 11.02
CA ASP B 306 -8.21 5.56 11.06
C ASP B 306 -6.85 6.21 10.81
N ARG B 307 -6.86 7.31 10.04
CA ARG B 307 -5.73 8.22 9.89
C ARG B 307 -6.24 9.63 10.18
N ILE B 308 -5.36 10.50 10.67
CA ILE B 308 -5.71 11.90 10.93
C ILE B 308 -4.74 12.84 10.23
N LYS B 309 -5.15 14.09 10.10
CA LYS B 309 -4.34 15.08 9.42
C LYS B 309 -3.06 15.41 10.22
N THR B 310 -1.95 15.52 9.51
CA THR B 310 -0.71 16.09 10.06
C THR B 310 -0.26 17.26 9.21
N ASN B 311 0.73 17.99 9.73
CA ASN B 311 1.43 19.02 8.98
C ASN B 311 2.86 18.60 8.66
N LEU B 312 3.10 17.29 8.51
CA LEU B 312 4.42 16.79 8.15
C LEU B 312 4.73 17.14 6.68
N LYS B 313 6.02 17.25 6.38
CA LYS B 313 6.49 17.54 5.02
C LYS B 313 6.02 16.44 4.06
N PRO B 314 5.32 16.80 2.97
CA PRO B 314 4.93 15.75 2.00
C PRO B 314 6.13 15.15 1.27
N LEU B 315 6.06 13.85 1.00
CA LEU B 315 7.10 13.15 0.27
C LEU B 315 7.26 13.76 -1.12
N ASP B 316 8.49 14.13 -1.48
CA ASP B 316 8.80 14.63 -2.80
C ASP B 316 9.58 13.54 -3.53
N LEU B 317 8.84 12.65 -4.20
CA LEU B 317 9.44 11.51 -4.91
C LEU B 317 10.39 11.92 -6.02
N ALA B 318 10.03 12.96 -6.76
CA ALA B 318 10.92 13.49 -7.80
C ALA B 318 12.26 13.92 -7.20
N GLN B 319 12.23 14.60 -6.07
CA GLN B 319 13.45 15.01 -5.39
C GLN B 319 14.27 13.83 -4.89
N VAL B 320 13.60 12.83 -4.31
CA VAL B 320 14.26 11.60 -3.90
C VAL B 320 14.95 10.95 -5.09
N SER B 321 14.23 10.88 -6.22
CA SER B 321 14.78 10.56 -7.53
C SER B 321 15.05 9.07 -7.79
N THR B 322 15.75 8.42 -6.88
CA THR B 322 16.18 7.03 -7.06
C THR B 322 15.97 6.24 -5.77
N LEU B 323 15.40 5.05 -5.92
CA LEU B 323 15.26 4.08 -4.84
C LEU B 323 15.98 2.82 -5.29
N THR B 324 16.81 2.25 -4.41
CA THR B 324 17.63 1.09 -4.76
C THR B 324 17.38 -0.07 -3.82
N PHE B 325 17.62 -1.27 -4.32
CA PHE B 325 17.41 -2.51 -3.58
C PHE B 325 18.48 -3.52 -3.93
N HIS B 326 19.09 -4.13 -2.92
CA HIS B 326 19.96 -5.28 -3.14
C HIS B 326 19.91 -6.29 -2.00
N LYS B 327 20.36 -7.49 -2.30
CA LYS B 327 20.39 -8.59 -1.33
C LYS B 327 21.59 -8.38 -0.41
N PRO B 328 21.39 -8.55 0.92
CA PRO B 328 22.53 -8.46 1.83
C PRO B 328 23.43 -9.68 1.73
N SER B 329 24.73 -9.47 1.92
CA SER B 329 25.70 -10.57 1.93
C SER B 329 25.73 -11.22 3.30
N LEU B 330 25.40 -12.51 3.36
CA LEU B 330 25.37 -13.22 4.65
C LEU B 330 26.79 -13.51 5.17
N GLU B 331 27.78 -13.52 4.28
CA GLU B 331 29.19 -13.64 4.68
C GLU B 331 29.65 -12.40 5.46
N HIS B 332 29.20 -11.23 5.01
CA HIS B 332 29.55 -9.96 5.64
C HIS B 332 28.69 -9.68 6.87
N PHE B 333 27.46 -10.21 6.86
CA PHE B 333 26.49 -10.00 7.94
C PHE B 333 25.96 -11.34 8.45
N PRO B 334 26.85 -12.15 9.06
CA PRO B 334 26.45 -13.46 9.55
C PRO B 334 25.38 -13.46 10.64
N CYS B 335 25.19 -12.34 11.35
CA CYS B 335 24.08 -12.23 12.31
C CYS B 335 22.71 -12.48 11.67
N ILE B 336 22.56 -12.11 10.39
CA ILE B 336 21.27 -12.34 9.70
C ILE B 336 20.96 -13.84 9.65
N LYS B 337 21.94 -14.63 9.18
CA LYS B 337 21.78 -16.09 9.09
C LYS B 337 21.47 -16.70 10.47
N LEU B 338 22.20 -16.29 11.50
CA LEU B 338 21.98 -16.77 12.87
C LEU B 338 20.56 -16.53 13.35
N ALA B 339 20.02 -15.35 13.06
CA ALA B 339 18.63 -15.02 13.41
C ALA B 339 17.63 -15.92 12.70
N TYR B 340 17.78 -16.13 11.40
CA TYR B 340 16.90 -17.07 10.67
C TYR B 340 17.00 -18.48 11.26
N GLN B 341 18.24 -18.92 11.50
CA GLN B 341 18.45 -20.27 12.06
C GLN B 341 17.75 -20.44 13.39
N ALA B 342 17.90 -19.44 14.27
CA ALA B 342 17.26 -19.46 15.59
C ALA B 342 15.72 -19.42 15.48
N GLY B 343 15.21 -18.58 14.60
CA GLY B 343 13.77 -18.49 14.37
C GLY B 343 13.19 -19.79 13.85
N ILE B 344 13.86 -20.37 12.85
CA ILE B 344 13.41 -21.61 12.22
C ILE B 344 13.48 -22.77 13.21
N LYS B 345 14.55 -22.84 13.99
CA LYS B 345 14.65 -23.81 15.09
C LYS B 345 13.48 -23.70 16.07
N GLY B 346 13.11 -22.47 16.38
CA GLY B 346 11.95 -22.20 17.21
C GLY B 346 12.28 -22.45 18.66
N ASN B 347 11.31 -22.99 19.41
CA ASN B 347 11.46 -23.18 20.84
C ASN B 347 11.93 -21.84 21.48
N PHE B 348 12.92 -21.86 22.37
CA PHE B 348 13.42 -20.65 22.98
C PHE B 348 14.70 -20.16 22.31
N TYR B 349 15.02 -20.66 21.12
CA TYR B 349 16.20 -20.17 20.41
C TYR B 349 16.16 -18.65 20.16
N PRO B 350 14.98 -18.08 19.83
CA PRO B 350 14.94 -16.61 19.73
C PRO B 350 15.31 -15.88 21.02
N THR B 351 14.89 -16.43 22.17
CA THR B 351 15.24 -15.87 23.48
C THR B 351 16.75 -15.90 23.63
N VAL B 352 17.37 -17.01 23.26
CA VAL B 352 18.81 -17.20 23.37
C VAL B 352 19.58 -16.26 22.41
N LEU B 353 19.10 -16.16 21.17
CA LEU B 353 19.66 -15.24 20.17
C LEU B 353 19.67 -13.80 20.72
N ASN B 354 18.53 -13.35 21.21
CA ASN B 354 18.39 -12.00 21.71
C ASN B 354 19.30 -11.74 22.91
N ALA B 355 19.33 -12.68 23.86
CA ALA B 355 20.11 -12.54 25.07
C ALA B 355 21.61 -12.53 24.80
N SER B 356 22.07 -13.47 23.98
CA SER B 356 23.49 -13.54 23.61
C SER B 356 23.91 -12.31 22.81
N ASN B 357 23.04 -11.85 21.91
CA ASN B 357 23.30 -10.59 21.20
C ASN B 357 23.40 -9.40 22.14
N GLU B 358 22.56 -9.35 23.18
CA GLU B 358 22.60 -8.26 24.15
C GLU B 358 24.01 -8.11 24.72
N ILE B 359 24.60 -9.25 25.10
CA ILE B 359 25.95 -9.26 25.64
C ILE B 359 27.01 -8.92 24.59
N ALA B 360 26.93 -9.56 23.42
CA ALA B 360 27.95 -9.39 22.38
C ALA B 360 27.95 -7.98 21.80
N ASN B 361 26.75 -7.44 21.60
CA ASN B 361 26.58 -6.03 21.19
C ASN B 361 27.32 -5.12 22.16
N ASN B 362 27.06 -5.30 23.46
CA ASN B 362 27.64 -4.43 24.48
C ASN B 362 29.17 -4.56 24.58
N LEU B 363 29.68 -5.79 24.46
CA LEU B 363 31.13 -6.01 24.40
C LEU B 363 31.78 -5.28 23.23
N PHE B 364 31.16 -5.35 22.05
CA PHE B 364 31.70 -4.65 20.89
C PHE B 364 31.58 -3.14 21.08
N LEU B 365 30.44 -2.68 21.59
CA LEU B 365 30.24 -1.25 21.88
C LEU B 365 31.35 -0.68 22.77
N ASN B 366 31.75 -1.46 23.76
CA ASN B 366 32.80 -1.07 24.71
C ASN B 366 34.22 -1.56 24.33
N ASN B 367 34.42 -1.88 23.04
CA ASN B 367 35.73 -2.20 22.47
C ASN B 367 36.43 -3.42 23.08
N LYS B 368 35.64 -4.39 23.54
CA LYS B 368 36.17 -5.60 24.17
C LYS B 368 36.33 -6.77 23.19
N ILE B 369 35.57 -6.77 22.09
CA ILE B 369 35.63 -7.83 21.10
C ILE B 369 35.55 -7.19 19.72
N LYS B 370 35.87 -7.96 18.68
CA LYS B 370 35.83 -7.49 17.30
C LYS B 370 34.51 -7.84 16.61
N TYR B 371 34.32 -7.31 15.41
CA TYR B 371 33.06 -7.46 14.66
C TYR B 371 32.62 -8.90 14.50
N PHE B 372 33.50 -9.76 13.99
CA PHE B 372 33.15 -11.17 13.78
C PHE B 372 33.05 -12.01 15.05
N ASP B 373 33.62 -11.50 16.15
CA ASP B 373 33.44 -12.13 17.47
C ASP B 373 31.99 -12.05 17.95
N ILE B 374 31.25 -11.04 17.47
CA ILE B 374 29.84 -10.86 17.86
C ILE B 374 29.05 -12.09 17.44
N SER B 375 29.12 -12.40 16.15
CA SER B 375 28.43 -13.57 15.60
C SER B 375 29.03 -14.88 16.10
N SER B 376 30.35 -14.92 16.34
CA SER B 376 30.95 -16.11 16.93
C SER B 376 30.36 -16.45 18.29
N ILE B 377 30.26 -15.44 19.15
CA ILE B 377 29.73 -15.64 20.49
C ILE B 377 28.27 -16.11 20.41
N ILE B 378 27.47 -15.43 19.59
CA ILE B 378 26.06 -15.76 19.48
C ILE B 378 25.88 -17.19 18.97
N SER B 379 26.64 -17.54 17.93
CA SER B 379 26.62 -18.90 17.39
C SER B 379 26.93 -19.94 18.47
N GLN B 380 27.96 -19.70 19.27
CA GLN B 380 28.35 -20.64 20.33
C GLN B 380 27.29 -20.81 21.42
N VAL B 381 26.62 -19.72 21.80
CA VAL B 381 25.56 -19.80 22.79
C VAL B 381 24.36 -20.56 22.21
N LEU B 382 24.02 -20.28 20.95
CA LEU B 382 22.94 -21.03 20.28
C LEU B 382 23.24 -22.53 20.21
N GLU B 383 24.48 -22.87 19.88
CA GLU B 383 24.92 -24.26 19.81
C GLU B 383 24.86 -24.92 21.18
N SER B 384 25.20 -24.16 22.22
CA SER B 384 25.16 -24.66 23.60
C SER B 384 23.75 -24.94 24.13
N PHE B 385 22.76 -24.16 23.67
CA PHE B 385 21.41 -24.26 24.20
C PHE B 385 20.75 -25.60 23.88
N ASN B 386 19.95 -26.09 24.82
CA ASN B 386 19.16 -27.29 24.62
C ASN B 386 17.68 -26.92 24.70
N SER B 387 16.92 -27.31 23.67
CA SER B 387 15.47 -27.10 23.64
C SER B 387 14.81 -27.57 24.93
N GLN B 388 13.84 -26.78 25.43
CA GLN B 388 13.08 -27.12 26.62
C GLN B 388 11.61 -27.31 26.28
N LYS B 389 10.93 -28.15 27.05
CA LYS B 389 9.48 -28.27 26.96
C LYS B 389 8.86 -26.92 27.29
N VAL B 390 8.01 -26.43 26.40
CA VAL B 390 7.41 -25.10 26.57
C VAL B 390 6.29 -25.17 27.60
N SER B 391 6.40 -24.37 28.66
CA SER B 391 5.39 -24.33 29.74
C SER B 391 4.01 -23.92 29.22
N GLU B 392 2.98 -24.60 29.71
CA GLU B 392 1.58 -24.36 29.33
C GLU B 392 1.02 -23.14 30.04
N ASN B 393 1.33 -23.00 31.33
CA ASN B 393 0.87 -21.89 32.16
C ASN B 393 1.67 -20.62 31.86
N SER B 394 0.97 -19.50 31.71
CA SER B 394 1.60 -18.24 31.30
C SER B 394 2.62 -17.72 32.32
N GLU B 395 2.35 -17.91 33.61
CA GLU B 395 3.27 -17.45 34.66
C GLU B 395 4.54 -18.31 34.66
N ASP B 396 4.38 -19.63 34.55
CA ASP B 396 5.52 -20.54 34.39
C ASP B 396 6.32 -20.24 33.12
N LEU B 397 5.63 -19.93 32.03
CA LEU B 397 6.28 -19.61 30.76
C LEU B 397 7.13 -18.34 30.86
N MET B 398 6.61 -17.31 31.53
CA MET B 398 7.37 -16.08 31.78
C MET B 398 8.64 -16.38 32.58
N LYS B 399 8.51 -17.18 33.63
CA LYS B 399 9.66 -17.56 34.45
C LYS B 399 10.71 -18.32 33.62
N GLN B 400 10.23 -19.21 32.75
CA GLN B 400 11.07 -19.97 31.85
C GLN B 400 11.86 -19.06 30.89
N ILE B 401 11.16 -18.10 30.28
CA ILE B 401 11.81 -17.13 29.39
C ILE B 401 12.90 -16.35 30.13
N LEU B 402 12.58 -15.87 31.33
CA LEU B 402 13.54 -15.11 32.14
C LEU B 402 14.77 -15.96 32.51
N GLN B 403 14.53 -17.22 32.89
CA GLN B 403 15.61 -18.15 33.21
C GLN B 403 16.53 -18.38 32.01
N ILE B 404 15.96 -18.59 30.84
CA ILE B 404 16.73 -18.83 29.64
C ILE B 404 17.48 -17.57 29.17
N HIS B 405 16.82 -16.41 29.28
CA HIS B 405 17.45 -15.13 29.01
C HIS B 405 18.70 -14.94 29.87
N SER B 406 18.55 -15.17 31.17
N SER B 406 18.55 -15.16 31.18
CA SER B 406 19.65 -15.03 32.12
CA SER B 406 19.65 -15.04 32.13
C SER B 406 20.78 -16.01 31.84
C SER B 406 20.79 -16.02 31.83
N TRP B 407 20.43 -17.27 31.56
CA TRP B 407 21.40 -18.32 31.21
C TRP B 407 22.23 -17.93 29.98
N ALA B 408 21.55 -17.42 28.95
CA ALA B 408 22.20 -17.11 27.68
C ALA B 408 23.12 -15.90 27.80
N LYS B 409 22.72 -14.90 28.58
CA LYS B 409 23.61 -13.76 28.88
C LYS B 409 24.86 -14.24 29.61
N ASP B 410 24.66 -15.06 30.65
CA ASP B 410 25.79 -15.61 31.41
C ASP B 410 26.69 -16.49 30.54
N LYS B 411 26.11 -17.28 29.65
CA LYS B 411 26.90 -18.13 28.75
C LYS B 411 27.75 -17.29 27.79
N ALA B 412 27.16 -16.24 27.22
CA ALA B 412 27.89 -15.33 26.34
C ALA B 412 29.08 -14.70 27.07
N THR B 413 28.82 -14.20 28.27
CA THR B 413 29.83 -13.56 29.11
C THR B 413 30.94 -14.56 29.46
N ASP B 414 30.56 -15.79 29.79
CA ASP B 414 31.53 -16.85 30.08
C ASP B 414 32.44 -17.17 28.88
N ILE B 415 31.87 -17.21 27.68
CA ILE B 415 32.66 -17.45 26.46
C ILE B 415 33.68 -16.32 26.26
N TYR B 416 33.25 -15.08 26.47
CA TYR B 416 34.16 -13.93 26.42
C TYR B 416 35.27 -14.08 27.45
N ASN B 417 34.90 -14.36 28.70
CA ASN B 417 35.88 -14.49 29.80
C ASN B 417 36.94 -15.57 29.54
N LYS B 418 36.54 -16.68 28.92
CA LYS B 418 37.49 -17.76 28.55
C LYS B 418 38.49 -17.33 27.48
N HIS B 419 37.99 -16.70 26.41
CA HIS B 419 38.86 -16.26 25.30
C HIS B 419 39.70 -15.02 25.66
N ASN B 420 39.28 -14.25 26.66
CA ASN B 420 40.01 -13.05 27.09
C ASN B 420 41.31 -13.39 27.83
O8 L50 C . 2.40 5.51 -18.53
P5 L50 C . 2.16 5.59 -19.99
O7 L50 C . 0.99 6.46 -20.26
O6 L50 C . 3.39 6.16 -20.65
C1 L50 C . 1.87 3.92 -20.65
C2 L50 C . 1.02 3.11 -19.66
C3 L50 C . -0.13 2.38 -20.38
C4 L50 C . -1.34 2.39 -19.47
N9 L50 C . -1.62 1.32 -18.67
C11 L50 C . -0.83 0.07 -18.71
O10 L50 C . -2.69 1.41 -17.78
O12 L50 C . -1.99 3.41 -19.40
C13 L50 C . 1.93 2.12 -18.84
C14 L50 C . 2.51 0.97 -19.71
C15 L50 C . 3.37 0.01 -18.83
C16 L50 C . 2.46 -0.84 -17.95
C18 L50 C . 2.28 -0.51 -16.61
C20 L50 C . 1.44 -1.28 -15.80
C21 L50 C . 0.79 -2.37 -16.34
C19 L50 C . 0.98 -2.71 -17.68
C17 L50 C . 1.82 -1.95 -18.48
C22 L50 C . -0.13 -3.20 -15.47
MN MN D . -3.17 3.51 -17.56
C1 MPD E . -15.80 8.70 -25.57
C2 MPD E . -17.01 7.85 -25.96
O2 MPD E . -16.58 7.00 -27.03
CM MPD E . -17.42 6.94 -24.80
C3 MPD E . -18.17 8.67 -26.51
C4 MPD E . -18.48 10.00 -25.81
O4 MPD E . -19.51 10.72 -26.51
C5 MPD E . -18.98 9.82 -24.38
C1 MPD F . -9.48 26.48 -23.08
C2 MPD F . -9.08 26.27 -21.64
O2 MPD F . -9.95 27.04 -20.82
CM MPD F . -9.22 24.80 -21.23
C3 MPD F . -7.64 26.73 -21.44
C1 EDO G . -18.86 -4.93 -29.26
O1 EDO G . -20.23 -5.33 -29.38
C2 EDO G . -18.61 -3.75 -30.18
O2 EDO G . -17.20 -3.49 -30.30
C1 EDO H . -2.78 23.00 -37.33
O1 EDO H . -2.19 21.94 -38.09
C2 EDO H . -1.69 23.95 -36.86
O2 EDO H . -2.28 25.12 -36.28
C1 EDO I . -8.76 22.04 -8.47
O1 EDO I . -7.62 21.61 -7.71
C2 EDO I . -9.98 21.35 -7.90
O2 EDO I . -10.16 20.10 -8.56
O8 L50 J . 18.38 -1.94 10.73
P5 L50 J . 18.48 -0.73 9.86
O7 L50 J . 17.47 -0.79 8.78
O6 L50 J . 19.86 -0.65 9.27
C1 L50 J . 18.22 0.76 10.88
C2 L50 J . 16.73 1.05 10.99
C3 L50 J . 16.34 1.45 12.43
C4 L50 J . 15.01 0.82 12.74
N9 L50 J . 13.84 1.53 12.60
C11 L50 J . 13.85 2.96 12.24
O10 L50 J . 12.63 0.90 12.83
O12 L50 J . 14.99 -0.35 13.03
C13 L50 J . 16.28 2.14 9.94
C14 L50 J . 16.89 3.54 10.24
C15 L50 J . 16.37 4.57 9.21
C16 L50 J . 14.89 4.85 9.44
C18 L50 J . 13.92 4.23 8.63
C20 L50 J . 12.57 4.46 8.84
C21 L50 J . 12.17 5.31 9.87
C19 L50 J . 13.13 5.92 10.68
C17 L50 J . 14.48 5.70 10.45
C22 L50 J . 10.71 5.56 10.12
MN MN K . 13.02 -1.22 12.69
C1 MPD L . 14.78 -8.87 26.13
C2 MPD L . 13.81 -8.36 27.19
O2 MPD L . 14.54 -7.71 28.24
CM MPD L . 12.90 -7.32 26.57
C3 MPD L . 13.00 -9.52 27.77
C4 MPD L . 13.76 -10.33 28.82
O4 MPD L . 13.99 -9.52 29.98
C5 MPD L . 13.00 -11.58 29.21
C1 EDO M . 8.80 -21.92 8.77
O1 EDO M . 8.70 -20.65 9.39
C2 EDO M . 10.02 -21.96 7.90
O2 EDO M . 9.76 -21.17 6.74
C1 EDO N . 9.80 -17.53 23.54
O1 EDO N . 8.64 -16.70 23.66
C2 EDO N . 10.40 -17.34 22.16
O2 EDO N . 11.79 -17.68 22.12
C1 EDO O . 35.34 -15.67 20.13
O1 EDO O . 35.03 -17.03 19.83
C2 EDO O . 35.22 -15.42 21.63
O2 EDO O . 35.65 -14.10 21.95
C1 EDO P . 11.00 2.37 34.30
O1 EDO P . 10.10 3.20 33.56
C2 EDO P . 12.13 1.85 33.41
O2 EDO P . 12.41 2.72 32.31
#